data_1O90
#
_entry.id   1O90
#
_cell.length_a   114.890
_cell.length_b   114.890
_cell.length_c   161.080
_cell.angle_alpha   90.00
_cell.angle_beta   90.00
_cell.angle_gamma   90.00
#
_symmetry.space_group_name_H-M   'P 41 2 2'
#
loop_
_entity.id
_entity.type
_entity.pdbx_description
1 polymer 'S-ADENOSYLMETHIONINE SYNTHETASE'
2 non-polymer '(2S,4S)-2-AMINO-4,5-EPOXIPENTANOIC ACID'
3 non-polymer 'PHOSPHATE ION'
4 non-polymer 'MAGNESIUM ION'
5 non-polymer 'POTASSIUM ION'
6 water water
#
_entity_poly.entity_id   1
_entity_poly.type   'polypeptide(L)'
_entity_poly.pdbx_seq_one_letter_code
;MNGPVDGLCDHSLSEEGAFMFTSESVGEGHPDKICDQISDAVLDAHLKQDPNAKVACETVCKTGMVLLCGEITSMAMIDY
QRVVRDTIKHIGYDDSAKGFDFKTCNVLVALEQQSPDIAQCVHLDRNEEDVGAGDQGLMFGYATDETEECMPLTIVLAHK
LNTRMADLRRSGVLPWLRPDSKTQVTVQYVQDNGAVIPVRVHTIVISVQHNEDITLEAMREALKEQVIKAVVPAKYLDED
TIYHLQPSGRFVIGGPQGDAGVTGRKIIVDTYGGWGAHGGGAFSGKDYTKVDRSAAYAARWVAKSLVKAGLCRRVLVQVS
YAIGVAEPLSISIFTYGTSKKTERELLEVVNKNFDLRPGVIVRDLDLKKPIYQKTACYGHFGRSEFPWEVPKKLVF
;
_entity_poly.pdbx_strand_id   A,B
#
# COMPACT_ATOMS: atom_id res chain seq x y z
N GLY A 17 -13.54 -17.00 19.02
CA GLY A 17 -13.81 -17.22 17.55
C GLY A 17 -12.54 -17.26 16.73
N ALA A 18 -11.58 -18.03 17.24
CA ALA A 18 -10.25 -18.20 16.65
C ALA A 18 -10.04 -17.92 15.16
N PHE A 19 -8.83 -17.37 14.96
CA PHE A 19 -8.23 -16.96 13.68
C PHE A 19 -6.80 -16.51 13.97
N MET A 20 -5.93 -16.50 12.95
CA MET A 20 -4.58 -16.02 13.17
C MET A 20 -4.26 -14.83 12.29
N PHE A 21 -3.24 -14.08 12.64
CA PHE A 21 -2.88 -12.91 11.86
C PHE A 21 -1.38 -12.69 11.87
N THR A 22 -0.88 -12.10 10.79
CA THR A 22 0.54 -11.83 10.63
C THR A 22 0.77 -10.40 10.19
N SER A 23 1.87 -9.82 10.66
CA SER A 23 2.25 -8.46 10.32
C SER A 23 3.76 -8.38 10.20
N GLU A 24 4.22 -7.37 9.48
CA GLU A 24 5.65 -7.21 9.29
C GLU A 24 6.16 -5.80 9.47
N SER A 25 7.47 -5.66 9.55
CA SER A 25 8.13 -4.38 9.72
C SER A 25 9.56 -4.50 9.25
N VAL A 26 10.15 -3.37 8.91
CA VAL A 26 11.51 -3.34 8.42
C VAL A 26 12.38 -2.34 9.17
N GLY A 27 13.67 -2.61 9.21
CA GLY A 27 14.58 -1.72 9.91
C GLY A 27 14.89 -0.45 9.15
N GLU A 28 15.64 0.42 9.81
CA GLU A 28 16.02 1.71 9.22
C GLU A 28 16.90 1.53 8.01
N GLY A 29 17.46 0.33 7.88
CA GLY A 29 18.34 0.03 6.76
C GLY A 29 17.66 -0.44 5.49
N HIS A 30 16.38 -0.79 5.60
CA HIS A 30 15.65 -1.29 4.45
C HIS A 30 15.62 -0.20 3.41
N PRO A 31 15.97 -0.52 2.16
CA PRO A 31 16.00 0.41 1.04
C PRO A 31 14.82 1.37 0.98
N ASP A 32 13.61 0.84 1.07
CA ASP A 32 12.42 1.67 1.03
C ASP A 32 12.36 2.61 2.21
N LYS A 33 12.71 2.11 3.39
CA LYS A 33 12.67 2.95 4.60
C LYS A 33 13.76 4.01 4.63
N ILE A 34 14.85 3.78 3.90
CA ILE A 34 15.92 4.77 3.86
C ILE A 34 15.39 5.96 3.10
N CYS A 35 14.64 5.68 2.03
CA CYS A 35 14.05 6.70 1.20
C CYS A 35 12.96 7.44 1.95
N ASP A 36 12.18 6.71 2.74
CA ASP A 36 11.11 7.31 3.52
C ASP A 36 11.71 8.30 4.52
N GLN A 37 12.83 7.90 5.12
CA GLN A 37 13.53 8.73 6.10
C GLN A 37 14.20 9.95 5.48
N ILE A 38 14.92 9.72 4.39
CA ILE A 38 15.61 10.80 3.70
C ILE A 38 14.59 11.85 3.23
N SER A 39 13.48 11.39 2.69
CA SER A 39 12.43 12.28 2.22
C SER A 39 11.86 13.12 3.36
N ASP A 40 11.67 12.48 4.50
CA ASP A 40 11.16 13.19 5.66
C ASP A 40 12.22 14.06 6.32
N ALA A 41 13.48 13.70 6.11
CA ALA A 41 14.59 14.45 6.66
C ALA A 41 14.64 15.79 5.94
N VAL A 42 14.35 15.75 4.65
CA VAL A 42 14.35 16.97 3.85
C VAL A 42 13.17 17.82 4.27
N LEU A 43 12.08 17.15 4.69
CA LEU A 43 10.89 17.85 5.14
C LEU A 43 11.19 18.57 6.47
N ASP A 44 11.87 17.87 7.37
CA ASP A 44 12.25 18.44 8.65
C ASP A 44 13.17 19.63 8.46
N ALA A 45 14.18 19.44 7.63
CA ALA A 45 15.16 20.48 7.32
C ALA A 45 14.53 21.78 6.84
N HIS A 46 13.34 21.69 6.24
CA HIS A 46 12.67 22.88 5.74
C HIS A 46 11.79 23.51 6.80
N LEU A 47 11.07 22.67 7.53
CA LEU A 47 10.17 23.15 8.58
C LEU A 47 10.90 23.95 9.64
N LYS A 48 12.14 23.57 9.91
CA LYS A 48 12.94 24.25 10.93
C LYS A 48 13.22 25.71 10.61
N GLN A 49 13.26 26.04 9.31
CA GLN A 49 13.54 27.41 8.86
C GLN A 49 12.35 28.09 8.20
N ASP A 50 11.31 27.31 7.93
CA ASP A 50 10.11 27.83 7.29
C ASP A 50 8.99 26.82 7.51
N PRO A 51 8.26 26.96 8.62
CA PRO A 51 7.14 26.10 9.02
C PRO A 51 5.99 26.09 8.02
N ASN A 52 6.10 26.92 6.99
CA ASN A 52 5.07 26.96 5.96
C ASN A 52 5.62 26.44 4.65
N ALA A 53 6.82 25.86 4.70
CA ALA A 53 7.45 25.30 3.52
C ALA A 53 6.58 24.22 2.90
N LYS A 54 6.39 24.30 1.59
CA LYS A 54 5.60 23.31 0.86
C LYS A 54 6.54 22.23 0.35
N VAL A 55 6.47 21.07 0.97
CA VAL A 55 7.33 19.95 0.61
C VAL A 55 6.59 18.80 -0.06
N ALA A 56 7.14 18.38 -1.19
CA ALA A 56 6.61 17.28 -1.97
C ALA A 56 7.81 16.66 -2.65
N CYS A 57 8.50 15.78 -1.94
CA CYS A 57 9.69 15.13 -2.47
C CYS A 57 9.69 13.64 -2.18
N GLU A 58 10.51 12.90 -2.94
CA GLU A 58 10.66 11.47 -2.77
C GLU A 58 12.09 11.08 -3.10
N THR A 59 12.51 9.91 -2.61
CA THR A 59 13.87 9.44 -2.82
C THR A 59 13.92 8.03 -3.42
N VAL A 60 15.00 7.76 -4.14
CA VAL A 60 15.23 6.47 -4.78
C VAL A 60 16.69 6.13 -4.52
N CYS A 61 16.96 4.90 -4.12
CA CYS A 61 18.34 4.51 -3.85
C CYS A 61 18.68 3.17 -4.45
N LYS A 62 19.97 2.96 -4.68
CA LYS A 62 20.43 1.70 -5.27
C LYS A 62 21.97 1.62 -5.17
N THR A 63 22.44 0.84 -4.21
CA THR A 63 23.87 0.64 -3.95
C THR A 63 24.72 1.90 -4.05
N GLY A 64 24.84 2.67 -2.97
CA GLY A 64 25.67 3.87 -3.00
C GLY A 64 25.26 4.85 -4.08
N MET A 65 23.96 5.00 -4.27
CA MET A 65 23.41 5.91 -5.26
C MET A 65 22.03 6.34 -4.78
N VAL A 66 21.94 7.59 -4.36
CA VAL A 66 20.71 8.17 -3.84
C VAL A 66 20.23 9.28 -4.75
N LEU A 67 18.97 9.19 -5.17
CA LEU A 67 18.39 10.19 -6.05
C LEU A 67 17.27 10.93 -5.32
N LEU A 68 17.46 12.23 -5.16
CA LEU A 68 16.47 13.06 -4.50
C LEU A 68 15.68 13.78 -5.57
N CYS A 69 14.38 13.48 -5.64
CA CYS A 69 13.49 14.10 -6.61
C CYS A 69 12.45 14.91 -5.84
N GLY A 70 11.75 15.81 -6.52
CA GLY A 70 10.75 16.58 -5.83
C GLY A 70 10.58 18.04 -6.19
N GLU A 71 9.44 18.57 -5.76
CA GLU A 71 9.05 19.96 -5.98
C GLU A 71 8.77 20.55 -4.61
N ILE A 72 9.62 21.45 -4.14
CA ILE A 72 9.39 22.05 -2.84
C ILE A 72 9.48 23.56 -2.84
N THR A 73 8.35 24.19 -2.54
CA THR A 73 8.26 25.64 -2.49
C THR A 73 8.52 26.05 -1.05
N SER A 74 9.73 26.55 -0.80
CA SER A 74 10.12 26.99 0.53
C SER A 74 11.06 28.19 0.47
N MET A 75 11.33 28.76 1.64
CA MET A 75 12.22 29.89 1.76
C MET A 75 13.18 29.61 2.90
N ALA A 76 14.03 28.62 2.68
CA ALA A 76 15.03 28.22 3.66
C ALA A 76 16.26 27.69 2.92
N MET A 77 17.43 27.94 3.47
CA MET A 77 18.65 27.47 2.84
C MET A 77 19.05 26.10 3.38
N ILE A 78 18.93 25.09 2.52
CA ILE A 78 19.25 23.71 2.89
C ILE A 78 20.34 23.07 2.04
N ASP A 79 21.23 22.34 2.70
CA ASP A 79 22.32 21.64 2.04
C ASP A 79 21.84 20.20 1.89
N TYR A 80 21.19 19.90 0.76
CA TYR A 80 20.67 18.57 0.50
C TYR A 80 21.70 17.45 0.62
N GLN A 81 22.95 17.74 0.28
CA GLN A 81 24.01 16.75 0.39
C GLN A 81 24.13 16.38 1.85
N ARG A 82 24.14 17.42 2.69
CA ARG A 82 24.27 17.26 4.13
C ARG A 82 23.09 16.51 4.76
N VAL A 83 21.87 16.88 4.38
CA VAL A 83 20.68 16.23 4.93
C VAL A 83 20.50 14.79 4.47
N VAL A 84 21.02 14.45 3.30
CA VAL A 84 20.91 13.09 2.78
C VAL A 84 21.99 12.22 3.41
N ARG A 85 23.21 12.73 3.42
CA ARG A 85 24.33 11.98 3.99
C ARG A 85 24.21 11.82 5.49
N ASP A 86 23.68 12.83 6.17
CA ASP A 86 23.50 12.75 7.62
C ASP A 86 22.48 11.68 7.95
N THR A 87 21.46 11.58 7.13
CA THR A 87 20.42 10.58 7.34
C THR A 87 20.95 9.17 7.14
N ILE A 88 21.85 9.01 6.17
CA ILE A 88 22.43 7.71 5.89
C ILE A 88 23.37 7.33 7.04
N LYS A 89 24.04 8.33 7.59
CA LYS A 89 24.97 8.11 8.71
C LYS A 89 24.19 7.68 9.94
N HIS A 90 23.09 8.38 10.20
CA HIS A 90 22.23 8.10 11.34
C HIS A 90 21.76 6.66 11.30
N ILE A 91 21.41 6.20 10.11
CA ILE A 91 20.92 4.85 9.91
C ILE A 91 22.00 3.82 10.26
N GLY A 92 23.26 4.23 10.12
CA GLY A 92 24.35 3.31 10.43
C GLY A 92 25.21 2.90 9.26
N TYR A 93 25.09 3.60 8.14
CA TYR A 93 25.88 3.30 6.97
C TYR A 93 27.09 4.22 6.88
N ASP A 94 28.17 3.78 7.52
CA ASP A 94 29.42 4.53 7.54
C ASP A 94 30.58 3.77 6.90
N ASP A 95 30.47 2.45 6.87
CA ASP A 95 31.51 1.62 6.28
C ASP A 95 31.12 1.14 4.89
N SER A 96 32.13 0.72 4.14
CA SER A 96 31.96 0.23 2.77
C SER A 96 31.13 -1.05 2.62
N ALA A 97 31.61 -2.14 3.21
CA ALA A 97 30.97 -3.44 3.13
C ALA A 97 29.50 -3.53 3.54
N LYS A 98 29.01 -2.52 4.26
CA LYS A 98 27.62 -2.51 4.71
C LYS A 98 26.62 -2.24 3.58
N GLY A 99 27.13 -1.93 2.40
CA GLY A 99 26.28 -1.64 1.25
C GLY A 99 25.90 -0.18 1.11
N PHE A 100 26.54 0.66 1.90
CA PHE A 100 26.29 2.10 1.86
C PHE A 100 27.26 2.83 2.79
N ASP A 101 27.78 3.96 2.31
CA ASP A 101 28.72 4.76 3.08
C ASP A 101 28.40 6.21 2.76
N PHE A 102 27.84 6.91 3.75
CA PHE A 102 27.46 8.31 3.57
C PHE A 102 28.57 9.20 3.05
N LYS A 103 29.81 8.79 3.24
CA LYS A 103 30.96 9.59 2.80
C LYS A 103 31.31 9.35 1.34
N THR A 104 30.91 8.20 0.82
CA THR A 104 31.23 7.84 -0.56
C THR A 104 30.07 7.66 -1.54
N CYS A 105 28.86 7.49 -1.03
CA CYS A 105 27.72 7.28 -1.91
C CYS A 105 27.37 8.48 -2.79
N ASN A 106 26.82 8.17 -3.96
CA ASN A 106 26.41 9.18 -4.93
C ASN A 106 25.05 9.77 -4.57
N VAL A 107 25.04 11.07 -4.31
CA VAL A 107 23.80 11.76 -3.95
C VAL A 107 23.42 12.70 -5.07
N LEU A 108 22.63 12.19 -6.02
CA LEU A 108 22.18 12.97 -7.16
C LEU A 108 20.90 13.73 -6.78
N VAL A 109 21.00 15.04 -6.69
CA VAL A 109 19.85 15.88 -6.32
C VAL A 109 19.21 16.53 -7.55
N ALA A 110 18.01 16.07 -7.89
CA ALA A 110 17.25 16.61 -9.02
C ALA A 110 16.03 17.37 -8.50
N LEU A 111 16.23 17.94 -7.33
CA LEU A 111 15.19 18.69 -6.60
C LEU A 111 15.00 20.09 -7.18
N GLU A 112 13.73 20.51 -7.28
CA GLU A 112 13.36 21.83 -7.80
C GLU A 112 12.83 22.65 -6.62
N GLN A 113 13.50 23.75 -6.30
CA GLN A 113 13.03 24.56 -5.16
C GLN A 113 12.72 26.02 -5.50
N GLN A 114 11.46 26.44 -5.30
CA GLN A 114 11.04 27.82 -5.57
C GLN A 114 11.39 28.68 -4.35
N SER A 115 10.60 29.73 -4.12
CA SER A 115 10.83 30.62 -2.99
C SER A 115 9.61 31.18 -2.28
N PRO A 116 8.61 31.69 -3.00
CA PRO A 116 7.39 32.26 -2.38
C PRO A 116 6.26 31.22 -2.22
N GLU A 129 -7.49 28.39 9.19
CA GLU A 129 -8.26 27.45 10.06
C GLU A 129 -9.34 26.76 9.24
N ASP A 130 -9.96 27.51 8.35
CA ASP A 130 -11.02 26.98 7.50
C ASP A 130 -10.55 26.91 6.05
N VAL A 131 -9.31 26.46 5.87
CA VAL A 131 -8.68 26.34 4.56
C VAL A 131 -9.50 25.65 3.48
N GLY A 132 -9.57 24.32 3.56
CA GLY A 132 -10.32 23.57 2.57
C GLY A 132 -9.46 22.42 2.10
N ALA A 133 -9.96 21.21 2.33
CA ALA A 133 -9.27 19.98 1.96
C ALA A 133 -8.93 19.82 0.47
N GLY A 134 -7.64 19.58 0.21
CA GLY A 134 -7.18 19.33 -1.15
C GLY A 134 -7.46 17.89 -1.54
N ASP A 135 -7.94 17.66 -2.74
CA ASP A 135 -8.19 16.35 -3.32
C ASP A 135 -9.26 15.58 -2.56
N GLN A 136 -10.37 15.24 -3.23
CA GLN A 136 -11.30 14.23 -2.70
C GLN A 136 -10.51 13.17 -1.94
N GLY A 137 -10.94 12.85 -0.73
CA GLY A 137 -10.22 11.85 0.02
C GLY A 137 -11.06 11.07 1.02
N LEU A 138 -10.50 9.96 1.48
CA LEU A 138 -11.15 9.09 2.44
C LEU A 138 -10.06 8.50 3.32
N MET A 139 -9.93 9.04 4.54
CA MET A 139 -8.93 8.55 5.47
C MET A 139 -9.53 7.59 6.49
N PHE A 140 -8.72 6.63 6.92
CA PHE A 140 -9.14 5.63 7.89
C PHE A 140 -8.38 5.78 9.21
N GLY A 141 -9.00 5.32 10.28
CA GLY A 141 -8.40 5.39 11.60
C GLY A 141 -8.70 4.09 12.32
N TYR A 142 -7.74 3.57 13.07
CA TYR A 142 -7.95 2.31 13.76
C TYR A 142 -7.30 2.24 15.13
N ALA A 143 -7.95 1.50 16.02
CA ALA A 143 -7.48 1.34 17.38
C ALA A 143 -8.14 0.15 18.04
N THR A 144 -7.39 -0.54 18.89
CA THR A 144 -7.88 -1.71 19.59
C THR A 144 -7.21 -1.74 20.96
N ASP A 145 -7.92 -2.24 21.98
CA ASP A 145 -7.35 -2.30 23.32
C ASP A 145 -6.46 -3.49 23.68
N GLU A 146 -6.06 -4.28 22.68
CA GLU A 146 -5.24 -5.45 22.94
C GLU A 146 -3.83 -5.14 23.44
N THR A 147 -3.43 -3.87 23.35
CA THR A 147 -2.13 -3.42 23.81
C THR A 147 -2.30 -2.01 24.34
N GLU A 148 -1.37 -1.55 25.18
CA GLU A 148 -1.45 -0.21 25.72
C GLU A 148 -1.31 0.87 24.65
N GLU A 149 -0.66 0.53 23.54
CA GLU A 149 -0.49 1.48 22.44
C GLU A 149 -1.77 1.67 21.63
N CYS A 150 -2.72 0.75 21.81
CA CYS A 150 -4.00 0.78 21.10
C CYS A 150 -3.78 0.40 19.64
N MET A 151 -2.82 -0.48 19.41
CA MET A 151 -2.45 -0.97 18.09
C MET A 151 -2.38 -2.50 18.12
N PRO A 152 -2.59 -3.16 16.98
CA PRO A 152 -2.55 -4.63 16.88
C PRO A 152 -1.26 -5.20 17.46
N LEU A 153 -1.37 -6.24 18.28
CA LEU A 153 -0.20 -6.84 18.90
C LEU A 153 0.82 -7.26 17.86
N THR A 154 0.33 -7.86 16.78
CA THR A 154 1.15 -8.35 15.70
C THR A 154 2.09 -7.30 15.12
N ILE A 155 1.56 -6.12 14.84
CA ILE A 155 2.38 -5.05 14.27
C ILE A 155 3.25 -4.37 15.32
N VAL A 156 2.74 -4.26 16.55
CA VAL A 156 3.48 -3.63 17.63
C VAL A 156 4.76 -4.41 17.91
N LEU A 157 4.62 -5.73 18.04
CA LEU A 157 5.75 -6.60 18.30
C LEU A 157 6.72 -6.54 17.13
N ALA A 158 6.17 -6.55 15.92
CA ALA A 158 6.97 -6.49 14.71
C ALA A 158 7.86 -5.26 14.71
N HIS A 159 7.29 -4.13 15.12
CA HIS A 159 8.03 -2.87 15.17
C HIS A 159 9.04 -2.90 16.31
N LYS A 160 8.58 -3.25 17.50
CA LYS A 160 9.45 -3.31 18.68
C LYS A 160 10.64 -4.24 18.48
N LEU A 161 10.43 -5.30 17.71
CA LEU A 161 11.48 -6.27 17.46
C LEU A 161 12.61 -5.58 16.71
N ASN A 162 12.26 -4.81 15.69
CA ASN A 162 13.24 -4.06 14.89
C ASN A 162 13.87 -2.95 15.74
N THR A 163 13.07 -2.30 16.57
CA THR A 163 13.54 -1.20 17.41
C THR A 163 14.63 -1.67 18.36
N ARG A 164 14.40 -2.81 19.00
CA ARG A 164 15.37 -3.39 19.93
C ARG A 164 16.70 -3.69 19.26
N MET A 165 16.64 -4.19 18.03
CA MET A 165 17.85 -4.52 17.30
C MET A 165 18.70 -3.29 17.03
N ALA A 166 18.04 -2.16 16.79
CA ALA A 166 18.73 -0.90 16.55
C ALA A 166 19.39 -0.41 17.83
N ASP A 167 18.73 -0.67 18.95
CA ASP A 167 19.25 -0.28 20.25
C ASP A 167 20.53 -1.03 20.52
N LEU A 168 20.47 -2.36 20.42
CA LEU A 168 21.63 -3.22 20.64
C LEU A 168 22.75 -2.89 19.66
N ARG A 169 22.37 -2.39 18.49
CA ARG A 169 23.33 -2.03 17.46
C ARG A 169 24.05 -0.77 17.89
N ARG A 170 23.26 0.24 18.26
CA ARG A 170 23.80 1.53 18.69
C ARG A 170 24.41 1.58 20.09
N SER A 171 24.06 0.61 20.93
CA SER A 171 24.60 0.54 22.27
C SER A 171 25.96 -0.13 22.24
N GLY A 172 26.05 -1.21 21.45
CA GLY A 172 27.29 -1.94 21.35
C GLY A 172 27.12 -3.39 21.77
N VAL A 173 26.00 -3.67 22.42
CA VAL A 173 25.68 -5.01 22.92
C VAL A 173 25.80 -6.09 21.84
N LEU A 174 25.29 -5.79 20.65
CA LEU A 174 25.36 -6.70 19.51
C LEU A 174 26.00 -5.89 18.39
N PRO A 175 27.34 -5.78 18.38
CA PRO A 175 28.11 -5.02 17.39
C PRO A 175 28.17 -5.63 15.98
N TRP A 176 27.60 -6.82 15.80
CA TRP A 176 27.62 -7.47 14.48
C TRP A 176 26.37 -7.10 13.71
N LEU A 177 25.41 -6.56 14.44
CA LEU A 177 24.13 -6.13 13.87
C LEU A 177 24.30 -4.95 12.91
N ARG A 178 23.68 -5.08 11.73
CA ARG A 178 23.71 -4.03 10.71
C ARG A 178 22.31 -3.46 10.46
N PRO A 179 22.23 -2.23 9.91
CA PRO A 179 20.98 -1.50 9.69
C PRO A 179 19.75 -2.19 9.02
N ASP A 180 19.95 -2.90 7.92
CA ASP A 180 18.85 -3.57 7.24
C ASP A 180 18.33 -4.80 7.96
N SER A 181 17.02 -4.84 8.15
CA SER A 181 16.36 -5.94 8.82
C SER A 181 14.89 -6.03 8.41
N LYS A 182 14.29 -7.20 8.63
CA LYS A 182 12.89 -7.44 8.31
C LYS A 182 12.30 -8.31 9.42
N THR A 183 11.08 -7.99 9.82
CA THR A 183 10.44 -8.72 10.90
C THR A 183 9.01 -9.10 10.57
N GLN A 184 8.60 -10.28 11.02
CA GLN A 184 7.25 -10.77 10.82
C GLN A 184 6.81 -11.45 12.08
N VAL A 185 5.62 -11.10 12.54
CA VAL A 185 5.07 -11.68 13.74
C VAL A 185 3.65 -12.16 13.46
N THR A 186 3.40 -13.44 13.75
CA THR A 186 2.08 -14.01 13.55
C THR A 186 1.54 -14.50 14.88
N VAL A 187 0.43 -13.90 15.31
CA VAL A 187 -0.20 -14.22 16.58
C VAL A 187 -1.56 -14.88 16.42
N GLN A 188 -1.84 -15.87 17.26
CA GLN A 188 -3.11 -16.57 17.23
C GLN A 188 -4.12 -15.80 18.07
N TYR A 189 -5.26 -15.50 17.48
CA TYR A 189 -6.29 -14.75 18.18
C TYR A 189 -7.55 -15.52 18.54
N VAL A 190 -8.50 -14.79 19.09
CA VAL A 190 -9.80 -15.29 19.51
C VAL A 190 -10.68 -14.08 19.79
N GLN A 191 -11.87 -14.05 19.18
CA GLN A 191 -12.80 -12.95 19.39
C GLN A 191 -13.36 -12.96 20.81
N ASP A 192 -14.20 -11.98 21.13
CA ASP A 192 -14.79 -11.89 22.45
C ASP A 192 -15.98 -10.94 22.49
N ASN A 193 -17.16 -11.49 22.20
CA ASN A 193 -18.42 -10.73 22.18
C ASN A 193 -18.19 -9.25 22.00
N GLY A 194 -17.37 -8.98 21.03
CA GLY A 194 -16.97 -7.63 20.66
C GLY A 194 -15.83 -7.76 19.67
N ALA A 195 -14.61 -8.03 20.18
CA ALA A 195 -13.50 -8.21 19.25
C ALA A 195 -12.08 -8.30 19.85
N VAL A 196 -11.35 -8.99 18.98
CA VAL A 196 -9.90 -9.31 18.93
C VAL A 196 -9.06 -9.35 20.22
N ILE A 197 -8.90 -10.55 20.78
CA ILE A 197 -7.98 -10.77 21.94
C ILE A 197 -6.84 -11.73 21.57
N PRO A 198 -5.58 -11.27 21.64
CA PRO A 198 -4.42 -12.10 21.31
C PRO A 198 -4.20 -13.21 22.34
N VAL A 199 -3.86 -14.40 21.87
CA VAL A 199 -3.63 -15.54 22.77
C VAL A 199 -2.16 -15.90 22.93
N ARG A 200 -1.45 -16.00 21.81
CA ARG A 200 -0.03 -16.36 21.85
C ARG A 200 0.65 -16.11 20.51
N VAL A 201 1.98 -15.99 20.54
CA VAL A 201 2.77 -15.77 19.34
C VAL A 201 3.01 -17.13 18.71
N HIS A 202 2.36 -17.38 17.57
CA HIS A 202 2.49 -18.65 16.88
C HIS A 202 3.91 -18.83 16.32
N THR A 203 4.38 -17.84 15.57
CA THR A 203 5.73 -17.89 15.00
C THR A 203 6.29 -16.49 14.74
N ILE A 204 7.61 -16.41 14.79
CA ILE A 204 8.33 -15.17 14.58
C ILE A 204 9.44 -15.37 13.56
N VAL A 205 9.50 -14.48 12.58
CA VAL A 205 10.51 -14.54 11.54
C VAL A 205 11.25 -13.23 11.53
N ILE A 206 12.56 -13.32 11.68
CA ILE A 206 13.38 -12.12 11.71
C ILE A 206 14.68 -12.32 10.96
N SER A 207 14.97 -11.36 10.09
CA SER A 207 16.18 -11.38 9.27
C SER A 207 16.87 -10.05 9.45
N VAL A 208 18.15 -10.08 9.72
CA VAL A 208 18.90 -8.86 9.91
C VAL A 208 20.27 -8.92 9.26
N GLN A 209 20.70 -7.79 8.71
CA GLN A 209 22.00 -7.70 8.06
C GLN A 209 23.06 -7.88 9.15
N HIS A 210 24.27 -8.30 8.76
CA HIS A 210 25.32 -8.52 9.75
C HIS A 210 26.75 -8.47 9.21
N ASN A 211 27.70 -8.43 10.14
CA ASN A 211 29.12 -8.41 9.83
C ASN A 211 29.57 -9.84 9.55
N GLU A 212 30.71 -10.00 8.89
CA GLU A 212 31.23 -11.34 8.56
C GLU A 212 31.64 -12.21 9.75
N ASP A 213 32.38 -11.62 10.67
CA ASP A 213 32.87 -12.31 11.86
C ASP A 213 31.86 -12.61 12.96
N ILE A 214 30.85 -13.41 12.61
CA ILE A 214 29.81 -13.79 13.56
C ILE A 214 29.06 -15.00 12.98
N THR A 215 29.10 -16.10 13.71
CA THR A 215 28.44 -17.34 13.31
C THR A 215 26.90 -17.27 13.31
N LEU A 216 26.31 -18.03 12.40
CA LEU A 216 24.88 -18.13 12.22
C LEU A 216 24.26 -18.69 13.50
N GLU A 217 25.01 -19.50 14.23
CA GLU A 217 24.48 -20.07 15.47
C GLU A 217 24.43 -19.01 16.56
N ALA A 218 25.44 -18.15 16.61
CA ALA A 218 25.49 -17.07 17.60
C ALA A 218 24.45 -16.00 17.34
N MET A 219 24.14 -15.76 16.07
CA MET A 219 23.17 -14.75 15.69
C MET A 219 21.79 -15.20 16.14
N ARG A 220 21.41 -16.38 15.71
CA ARG A 220 20.10 -16.96 16.07
C ARG A 220 19.86 -17.06 17.57
N GLU A 221 20.93 -17.24 18.33
CA GLU A 221 20.83 -17.33 19.78
C GLU A 221 20.57 -15.96 20.37
N ALA A 222 21.31 -14.96 19.89
CA ALA A 222 21.15 -13.58 20.36
C ALA A 222 19.77 -13.02 20.00
N LEU A 223 19.26 -13.41 18.83
CA LEU A 223 17.96 -12.94 18.37
C LEU A 223 16.83 -13.46 19.26
N LYS A 224 16.98 -14.69 19.75
CA LYS A 224 15.96 -15.29 20.61
C LYS A 224 16.00 -14.77 22.04
N GLU A 225 17.18 -14.75 22.63
CA GLU A 225 17.33 -14.31 24.01
C GLU A 225 17.38 -12.81 24.21
N GLN A 226 18.24 -12.13 23.45
CA GLN A 226 18.40 -10.69 23.60
C GLN A 226 17.41 -9.75 22.91
N VAL A 227 16.76 -10.20 21.83
CA VAL A 227 15.80 -9.33 21.15
C VAL A 227 14.35 -9.77 21.31
N ILE A 228 14.05 -11.01 20.93
CA ILE A 228 12.70 -11.54 21.02
C ILE A 228 12.18 -11.64 22.45
N LYS A 229 12.89 -12.39 23.29
CA LYS A 229 12.47 -12.57 24.68
C LYS A 229 12.58 -11.29 25.50
N ALA A 230 13.28 -10.28 24.99
CA ALA A 230 13.43 -9.03 25.72
C ALA A 230 12.34 -8.02 25.37
N VAL A 231 11.49 -8.37 24.42
CA VAL A 231 10.41 -7.47 23.99
C VAL A 231 9.02 -8.10 23.99
N VAL A 232 8.97 -9.40 23.74
CA VAL A 232 7.70 -10.13 23.73
C VAL A 232 7.28 -10.59 25.12
N PRO A 233 6.12 -10.12 25.60
CA PRO A 233 5.57 -10.46 26.91
C PRO A 233 5.50 -11.98 27.12
N ALA A 234 5.97 -12.42 28.29
CA ALA A 234 5.99 -13.82 28.66
C ALA A 234 4.70 -14.55 28.36
N LYS A 235 3.59 -13.84 28.57
CA LYS A 235 2.26 -14.39 28.36
C LYS A 235 2.10 -14.97 26.96
N TYR A 236 2.75 -14.35 25.98
CA TYR A 236 2.64 -14.80 24.60
C TYR A 236 3.68 -15.82 24.10
N LEU A 237 4.86 -15.85 24.72
CA LEU A 237 5.85 -16.82 24.28
C LEU A 237 5.47 -18.21 24.76
N ASP A 238 5.65 -19.20 23.88
CA ASP A 238 5.29 -20.58 24.17
C ASP A 238 6.45 -21.56 24.02
N GLU A 239 6.15 -22.85 24.24
CA GLU A 239 7.13 -23.91 24.10
C GLU A 239 6.99 -24.43 22.68
N ASP A 240 5.93 -23.97 22.01
CA ASP A 240 5.65 -24.35 20.63
C ASP A 240 5.87 -23.20 19.66
N THR A 241 6.02 -21.99 20.20
CA THR A 241 6.24 -20.80 19.38
C THR A 241 7.35 -21.10 18.39
N ILE A 242 7.08 -20.89 17.10
CA ILE A 242 8.07 -21.15 16.05
C ILE A 242 8.97 -19.95 15.75
N TYR A 243 10.27 -20.20 15.74
CA TYR A 243 11.24 -19.17 15.45
C TYR A 243 11.99 -19.44 14.14
N HIS A 244 12.07 -18.41 13.32
CA HIS A 244 12.76 -18.46 12.04
C HIS A 244 13.70 -17.27 12.03
N LEU A 245 14.87 -17.46 12.61
CA LEU A 245 15.88 -16.41 12.70
C LEU A 245 16.94 -16.60 11.61
N GLN A 246 17.07 -15.61 10.73
CA GLN A 246 18.03 -15.68 9.62
C GLN A 246 17.77 -16.96 8.84
N PRO A 247 16.53 -17.14 8.33
CA PRO A 247 16.04 -18.29 7.57
C PRO A 247 16.84 -18.57 6.30
N SER A 248 17.13 -17.49 5.56
CA SER A 248 17.88 -17.58 4.32
C SER A 248 19.39 -17.61 4.55
N GLY A 249 19.78 -18.01 5.76
CA GLY A 249 21.20 -18.08 6.08
C GLY A 249 21.87 -16.74 6.32
N ARG A 250 22.85 -16.39 5.49
CA ARG A 250 23.58 -15.15 5.65
C ARG A 250 22.91 -13.97 4.91
N PHE A 251 23.22 -12.81 5.46
CA PHE A 251 22.74 -11.49 5.03
C PHE A 251 23.84 -10.53 5.48
N VAL A 252 25.00 -10.62 4.83
CA VAL A 252 26.15 -9.78 5.18
C VAL A 252 26.22 -8.43 4.44
N ILE A 253 26.69 -8.49 3.20
CA ILE A 253 26.85 -7.30 2.38
C ILE A 253 25.53 -6.91 1.72
N GLY A 254 24.45 -7.56 2.13
CA GLY A 254 23.14 -7.26 1.58
C GLY A 254 22.91 -5.76 1.52
N GLY A 255 22.73 -5.16 2.70
CA GLY A 255 22.51 -3.72 2.79
C GLY A 255 21.35 -3.15 1.97
N PRO A 256 21.27 -1.83 1.81
CA PRO A 256 20.18 -1.24 1.05
C PRO A 256 20.47 -1.25 -0.45
N GLN A 257 20.03 -2.34 -1.07
CA GLN A 257 20.19 -2.62 -2.49
C GLN A 257 18.84 -3.11 -2.95
N GLY A 258 18.57 -4.37 -2.65
CA GLY A 258 17.31 -5.02 -2.98
C GLY A 258 16.81 -4.52 -4.29
N ASP A 259 17.76 -4.45 -5.22
CA ASP A 259 17.56 -3.98 -6.57
C ASP A 259 17.20 -2.52 -6.74
N ALA A 260 16.61 -1.87 -5.74
CA ALA A 260 16.30 -0.47 -5.66
C ALA A 260 15.46 -0.16 -4.41
N GLY A 261 15.64 1.04 -3.85
CA GLY A 261 14.85 1.49 -2.71
C GLY A 261 13.96 2.67 -3.12
N VAL A 262 12.72 2.68 -2.63
CA VAL A 262 11.77 3.72 -3.00
C VAL A 262 10.95 4.27 -1.83
N THR A 263 10.44 5.49 -2.02
CA THR A 263 9.64 6.17 -1.03
C THR A 263 8.15 5.86 -1.22
N GLY A 264 7.46 5.66 -0.10
CA GLY A 264 6.03 5.36 -0.15
C GLY A 264 5.66 3.97 -0.60
N ARG A 265 6.62 3.06 -0.59
CA ARG A 265 6.35 1.68 -1.01
C ARG A 265 6.12 0.75 0.18
N LYS A 266 6.21 1.29 1.40
CA LYS A 266 6.00 0.50 2.60
C LYS A 266 4.79 1.05 3.36
N ILE A 267 3.70 1.22 2.62
CA ILE A 267 2.44 1.77 3.10
C ILE A 267 1.73 1.06 4.25
N ILE A 268 1.79 -0.27 4.27
CA ILE A 268 1.12 -1.02 5.32
C ILE A 268 1.92 -1.12 6.62
N VAL A 269 3.24 -1.17 6.52
CA VAL A 269 4.06 -1.26 7.73
C VAL A 269 4.12 0.09 8.42
N ASP A 270 3.70 1.14 7.71
CA ASP A 270 3.69 2.49 8.26
C ASP A 270 2.40 2.75 9.00
N THR A 271 1.44 1.85 8.82
CA THR A 271 0.14 2.01 9.45
C THR A 271 -0.28 0.97 10.51
N TYR A 272 -1.18 0.08 10.13
CA TYR A 272 -1.68 -0.93 11.08
C TYR A 272 -1.31 -2.39 10.85
N GLY A 273 -0.36 -2.65 9.94
CA GLY A 273 0.04 -4.02 9.68
C GLY A 273 -1.06 -4.83 9.03
N GLY A 274 -1.90 -4.16 8.25
CA GLY A 274 -3.00 -4.82 7.55
C GLY A 274 -4.24 -5.08 8.39
N TRP A 275 -4.42 -4.28 9.43
CA TRP A 275 -5.59 -4.50 10.28
C TRP A 275 -6.76 -3.53 10.08
N GLY A 276 -6.47 -2.27 9.80
CA GLY A 276 -7.54 -1.32 9.62
C GLY A 276 -8.01 -1.37 8.18
N ALA A 277 -7.81 -0.26 7.49
CA ALA A 277 -8.18 -0.10 6.10
C ALA A 277 -7.22 0.93 5.58
N HIS A 278 -6.92 0.88 4.29
CA HIS A 278 -5.96 1.82 3.72
C HIS A 278 -6.34 2.22 2.32
N GLY A 279 -6.47 3.52 2.10
CA GLY A 279 -6.83 4.03 0.78
C GLY A 279 -5.69 4.03 -0.23
N GLY A 280 -4.47 3.87 0.27
CA GLY A 280 -3.30 3.87 -0.60
C GLY A 280 -2.40 5.08 -0.55
N GLY A 281 -2.80 6.08 0.22
CA GLY A 281 -1.99 7.28 0.32
C GLY A 281 -0.71 7.10 1.14
N ALA A 282 0.41 7.59 0.59
CA ALA A 282 1.72 7.50 1.24
C ALA A 282 1.96 8.74 2.11
N PHE A 283 2.71 8.57 3.19
CA PHE A 283 3.00 9.68 4.10
C PHE A 283 4.29 10.43 3.81
N SER A 284 5.40 9.73 4.00
CA SER A 284 6.74 10.27 3.80
C SER A 284 6.97 11.12 2.55
N GLY A 285 7.55 12.29 2.75
CA GLY A 285 7.82 13.19 1.65
C GLY A 285 6.77 14.26 1.42
N LYS A 286 5.63 14.11 2.07
CA LYS A 286 4.53 15.06 1.94
C LYS A 286 4.38 15.90 3.20
N ASP A 287 4.20 17.20 3.02
CA ASP A 287 4.05 18.09 4.17
C ASP A 287 2.68 17.99 4.81
N TYR A 288 2.47 18.78 5.85
CA TYR A 288 1.21 18.77 6.59
C TYR A 288 -0.04 19.26 5.84
N THR A 289 0.13 19.83 4.65
CA THR A 289 -1.04 20.30 3.91
C THR A 289 -1.77 19.20 3.12
N LYS A 290 -1.10 18.06 2.97
CA LYS A 290 -1.68 16.93 2.26
C LYS A 290 -2.55 16.12 3.20
N VAL A 291 -3.84 16.07 2.90
CA VAL A 291 -4.79 15.33 3.74
C VAL A 291 -4.39 13.87 3.93
N ASP A 292 -3.61 13.33 2.99
CA ASP A 292 -3.17 11.95 3.09
C ASP A 292 -2.42 11.68 4.38
N ARG A 293 -1.69 12.69 4.85
CA ARG A 293 -0.93 12.54 6.07
C ARG A 293 -1.71 13.03 7.28
N SER A 294 -1.96 14.34 7.31
CA SER A 294 -2.67 14.99 8.39
C SER A 294 -3.97 14.32 8.83
N ALA A 295 -4.90 14.18 7.90
CA ALA A 295 -6.19 13.56 8.19
C ALA A 295 -6.06 12.12 8.67
N ALA A 296 -5.04 11.42 8.17
CA ALA A 296 -4.82 10.04 8.56
C ALA A 296 -4.41 10.05 10.02
N TYR A 297 -3.58 11.03 10.38
CA TYR A 297 -3.12 11.18 11.76
C TYR A 297 -4.31 11.51 12.65
N ALA A 298 -5.12 12.46 12.19
CA ALA A 298 -6.30 12.90 12.92
C ALA A 298 -7.26 11.73 13.16
N ALA A 299 -7.44 10.89 12.15
CA ALA A 299 -8.33 9.73 12.25
C ALA A 299 -7.82 8.72 13.28
N ARG A 300 -6.51 8.57 13.37
CA ARG A 300 -5.91 7.65 14.33
C ARG A 300 -6.16 8.24 15.71
N TRP A 301 -5.98 9.54 15.82
CA TRP A 301 -6.17 10.29 17.05
C TRP A 301 -7.52 9.99 17.69
N VAL A 302 -8.59 10.27 16.95
CA VAL A 302 -9.94 10.03 17.45
C VAL A 302 -10.18 8.55 17.77
N ALA A 303 -9.60 7.66 16.97
CA ALA A 303 -9.77 6.23 17.19
C ALA A 303 -9.18 5.88 18.54
N LYS A 304 -7.94 6.31 18.76
CA LYS A 304 -7.23 6.04 20.00
C LYS A 304 -7.96 6.68 21.18
N SER A 305 -8.50 7.88 20.97
CA SER A 305 -9.21 8.60 22.02
C SER A 305 -10.47 7.84 22.44
N LEU A 306 -11.21 7.33 21.45
CA LEU A 306 -12.44 6.59 21.71
C LEU A 306 -12.25 5.38 22.62
N VAL A 307 -11.32 4.50 22.25
CA VAL A 307 -11.07 3.30 23.05
C VAL A 307 -10.51 3.67 24.42
N LYS A 308 -9.66 4.68 24.46
CA LYS A 308 -9.05 5.12 25.70
C LYS A 308 -10.13 5.65 26.64
N ALA A 309 -11.14 6.28 26.06
CA ALA A 309 -12.23 6.83 26.85
C ALA A 309 -13.26 5.75 27.20
N GLY A 310 -12.90 4.49 26.98
CA GLY A 310 -13.79 3.39 27.30
C GLY A 310 -15.04 3.25 26.44
N LEU A 311 -15.18 4.13 25.46
CA LEU A 311 -16.34 4.11 24.57
C LEU A 311 -16.40 2.93 23.60
N CYS A 312 -15.35 2.12 23.59
CA CYS A 312 -15.26 0.95 22.71
C CYS A 312 -13.94 0.23 22.90
N ARG A 313 -13.88 -1.03 22.48
CA ARG A 313 -12.66 -1.83 22.59
C ARG A 313 -11.91 -1.95 21.27
N ARG A 314 -12.58 -1.56 20.18
CA ARG A 314 -12.01 -1.64 18.85
C ARG A 314 -12.81 -0.77 17.88
N VAL A 315 -12.13 0.18 17.24
CA VAL A 315 -12.79 1.08 16.31
C VAL A 315 -12.07 1.29 15.00
N LEU A 316 -12.88 1.57 13.98
CA LEU A 316 -12.41 1.83 12.63
C LEU A 316 -13.14 3.10 12.22
N VAL A 317 -12.53 4.24 12.53
CA VAL A 317 -13.13 5.52 12.19
C VAL A 317 -12.78 5.86 10.74
N GLN A 318 -13.79 6.26 10.00
CA GLN A 318 -13.63 6.58 8.60
C GLN A 318 -14.00 8.05 8.34
N VAL A 319 -13.02 8.86 7.97
CA VAL A 319 -13.29 10.26 7.69
C VAL A 319 -13.14 10.60 6.21
N SER A 320 -14.20 11.12 5.61
CA SER A 320 -14.19 11.49 4.20
C SER A 320 -14.12 13.01 4.01
N TYR A 321 -13.42 13.43 2.96
CA TYR A 321 -13.29 14.84 2.63
C TYR A 321 -13.71 15.11 1.19
N ALA A 322 -14.15 16.34 0.94
CA ALA A 322 -14.57 16.77 -0.40
C ALA A 322 -13.63 17.88 -0.84
N ILE A 323 -13.08 17.76 -2.03
CA ILE A 323 -12.16 18.76 -2.57
C ILE A 323 -12.78 20.16 -2.52
N GLY A 324 -12.08 21.08 -1.86
CA GLY A 324 -12.56 22.44 -1.74
C GLY A 324 -13.18 22.69 -0.38
N VAL A 325 -13.98 21.74 0.10
CA VAL A 325 -14.64 21.86 1.41
C VAL A 325 -13.68 21.61 2.57
N ALA A 326 -13.80 22.42 3.61
CA ALA A 326 -12.96 22.31 4.79
C ALA A 326 -13.49 21.26 5.78
N GLU A 327 -14.75 21.42 6.16
CA GLU A 327 -15.40 20.50 7.09
C GLU A 327 -15.51 19.13 6.45
N PRO A 328 -15.12 18.06 7.16
CA PRO A 328 -15.17 16.69 6.65
C PRO A 328 -16.54 16.32 6.05
N LEU A 329 -16.51 15.65 4.90
CA LEU A 329 -17.71 15.22 4.19
C LEU A 329 -18.17 13.84 4.65
N SER A 330 -18.62 13.75 5.89
CA SER A 330 -19.12 12.53 6.48
C SER A 330 -18.04 11.68 7.13
N ILE A 331 -18.22 11.50 8.43
CA ILE A 331 -17.31 10.68 9.20
C ILE A 331 -18.12 9.49 9.68
N SER A 332 -17.53 8.30 9.61
CA SER A 332 -18.20 7.08 10.03
C SER A 332 -17.38 6.36 11.09
N ILE A 333 -18.03 5.98 12.16
CA ILE A 333 -17.37 5.27 13.22
C ILE A 333 -17.74 3.81 13.10
N PHE A 334 -16.74 2.92 13.08
CA PHE A 334 -17.03 1.51 12.99
C PHE A 334 -16.47 0.68 14.13
N THR A 335 -17.34 0.49 15.09
CA THR A 335 -17.08 -0.40 16.22
C THR A 335 -17.53 -1.78 15.77
N TYR A 336 -17.00 -2.78 16.38
CA TYR A 336 -17.38 -4.13 16.02
C TYR A 336 -18.25 -4.71 17.12
N GLY A 337 -19.20 -3.91 17.59
CA GLY A 337 -20.11 -4.34 18.64
C GLY A 337 -19.40 -4.34 19.98
N THR A 338 -18.35 -3.53 20.07
CA THR A 338 -17.55 -3.44 21.30
C THR A 338 -17.95 -2.20 22.13
N SER A 339 -18.85 -1.40 21.58
CA SER A 339 -19.32 -0.18 22.24
C SER A 339 -20.70 -0.33 22.81
N LYS A 340 -20.95 0.34 23.92
CA LYS A 340 -22.25 0.31 24.56
C LYS A 340 -23.06 1.51 24.09
N LYS A 341 -22.36 2.59 23.72
CA LYS A 341 -23.02 3.82 23.27
C LYS A 341 -23.83 3.72 21.97
N THR A 342 -23.31 3.03 20.96
CA THR A 342 -24.03 2.83 19.72
C THR A 342 -23.68 3.87 18.66
N GLU A 343 -23.08 3.41 17.56
CA GLU A 343 -22.78 4.30 16.44
C GLU A 343 -23.95 5.22 16.09
N ARG A 344 -23.65 6.51 16.16
CA ARG A 344 -24.57 7.62 16.02
C ARG A 344 -25.13 8.00 17.41
N GLU A 345 -24.16 7.96 18.28
CA GLU A 345 -24.17 8.36 19.69
C GLU A 345 -22.68 8.72 19.91
N LEU A 346 -21.85 7.86 19.31
CA LEU A 346 -20.40 8.01 19.36
C LEU A 346 -20.00 9.04 18.32
N LEU A 347 -20.78 9.14 17.24
CA LEU A 347 -20.49 10.13 16.20
C LEU A 347 -20.67 11.54 16.75
N GLU A 348 -21.70 11.71 17.58
CA GLU A 348 -21.96 13.00 18.19
C GLU A 348 -20.86 13.29 19.21
N VAL A 349 -20.34 12.23 19.82
CA VAL A 349 -19.27 12.38 20.79
C VAL A 349 -18.07 12.93 20.04
N VAL A 350 -17.82 12.39 18.85
CA VAL A 350 -16.70 12.83 18.02
C VAL A 350 -16.94 14.24 17.48
N ASN A 351 -18.18 14.52 17.10
CA ASN A 351 -18.52 15.83 16.57
C ASN A 351 -18.53 16.93 17.64
N LYS A 352 -18.56 16.52 18.91
CA LYS A 352 -18.57 17.49 20.01
C LYS A 352 -17.20 17.62 20.65
N ASN A 353 -16.29 16.71 20.30
CA ASN A 353 -14.94 16.73 20.85
C ASN A 353 -13.86 17.00 19.80
N PHE A 354 -14.19 16.80 18.53
CA PHE A 354 -13.23 16.98 17.45
C PHE A 354 -13.66 17.91 16.31
N ASP A 355 -12.67 18.62 15.77
CA ASP A 355 -12.85 19.53 14.65
C ASP A 355 -11.82 19.08 13.62
N LEU A 356 -12.20 18.07 12.86
CA LEU A 356 -11.32 17.48 11.85
C LEU A 356 -11.07 18.26 10.56
N ARG A 357 -11.16 19.59 10.62
CA ARG A 357 -10.90 20.38 9.42
C ARG A 357 -9.39 20.41 9.26
N PRO A 358 -8.88 20.27 8.03
CA PRO A 358 -7.44 20.26 7.74
C PRO A 358 -6.61 21.26 8.53
N GLY A 359 -6.95 22.54 8.43
CA GLY A 359 -6.22 23.57 9.15
C GLY A 359 -6.20 23.38 10.65
N VAL A 360 -7.34 23.02 11.23
CA VAL A 360 -7.44 22.82 12.66
C VAL A 360 -6.60 21.62 13.09
N ILE A 361 -6.56 20.60 12.25
CA ILE A 361 -5.78 19.40 12.53
C ILE A 361 -4.31 19.75 12.73
N VAL A 362 -3.74 20.47 11.76
CA VAL A 362 -2.33 20.85 11.84
C VAL A 362 -2.03 21.71 13.05
N ARG A 363 -2.98 22.55 13.45
CA ARG A 363 -2.79 23.43 14.59
C ARG A 363 -2.86 22.63 15.89
N ASP A 364 -3.91 21.82 16.02
CA ASP A 364 -4.09 21.01 17.22
C ASP A 364 -3.03 19.93 17.38
N LEU A 365 -2.61 19.34 16.28
CA LEU A 365 -1.59 18.29 16.31
C LEU A 365 -0.16 18.81 16.17
N ASP A 366 -0.01 20.12 16.04
CA ASP A 366 1.31 20.74 15.91
C ASP A 366 2.07 20.12 14.74
N LEU A 367 1.40 20.04 13.59
CA LEU A 367 1.99 19.43 12.41
C LEU A 367 3.00 20.24 11.60
N LYS A 368 3.42 21.38 12.10
CA LYS A 368 4.41 22.19 11.41
C LYS A 368 5.76 21.94 12.03
N LYS A 369 5.77 21.07 13.04
CA LYS A 369 6.99 20.73 13.77
C LYS A 369 7.75 19.64 13.02
N PRO A 370 9.10 19.71 13.03
CA PRO A 370 9.91 18.71 12.32
C PRO A 370 10.10 17.39 13.08
N ILE A 371 9.06 16.56 13.09
CA ILE A 371 9.12 15.27 13.80
C ILE A 371 8.95 14.15 12.78
N TYR A 372 8.76 14.55 11.52
CA TYR A 372 8.52 13.60 10.44
C TYR A 372 9.56 12.51 10.16
N GLN A 373 10.84 12.77 10.43
CA GLN A 373 11.85 11.75 10.18
C GLN A 373 11.70 10.56 11.11
N LYS A 374 11.45 10.82 12.39
CA LYS A 374 11.29 9.74 13.35
C LYS A 374 9.98 9.02 13.09
N THR A 375 9.14 9.59 12.25
CA THR A 375 7.86 9.00 11.91
C THR A 375 8.05 8.10 10.72
N ALA A 376 9.15 8.33 10.00
CA ALA A 376 9.49 7.56 8.80
C ALA A 376 9.97 6.13 8.98
N CYS A 377 9.99 5.65 10.21
CA CYS A 377 10.42 4.28 10.46
C CYS A 377 9.83 3.74 11.74
N TYR A 378 9.66 2.43 11.78
CA TYR A 378 9.09 1.76 12.96
C TYR A 378 7.61 2.10 13.17
N GLY A 379 6.95 2.55 12.11
CA GLY A 379 5.53 2.88 12.20
C GLY A 379 5.12 4.29 12.61
N HIS A 380 4.10 4.80 11.94
CA HIS A 380 3.56 6.13 12.22
C HIS A 380 2.60 6.11 13.40
N PHE A 381 1.95 4.98 13.63
CA PHE A 381 0.98 4.86 14.72
C PHE A 381 1.46 3.94 15.82
N GLY A 382 1.17 4.31 17.07
CA GLY A 382 1.57 3.49 18.19
C GLY A 382 2.42 4.22 19.21
N ARG A 383 3.50 4.84 18.75
CA ARG A 383 4.42 5.57 19.61
C ARG A 383 3.78 6.83 20.20
N SER A 384 3.74 6.88 21.52
CA SER A 384 3.15 8.00 22.25
C SER A 384 3.79 9.38 22.10
N GLU A 385 5.03 9.41 21.60
CA GLU A 385 5.72 10.68 21.44
C GLU A 385 5.16 11.58 20.34
N PHE A 386 4.21 11.07 19.56
CA PHE A 386 3.60 11.83 18.49
C PHE A 386 2.26 12.41 18.94
N PRO A 387 1.99 13.69 18.60
CA PRO A 387 0.77 14.40 18.96
C PRO A 387 -0.51 13.59 18.78
N TRP A 388 -0.67 13.00 17.61
CA TRP A 388 -1.86 12.20 17.32
C TRP A 388 -2.01 10.96 18.20
N GLU A 389 -0.95 10.58 18.91
CA GLU A 389 -1.00 9.40 19.79
C GLU A 389 -1.39 9.75 21.24
N VAL A 390 -1.59 11.03 21.50
CA VAL A 390 -1.99 11.52 22.81
C VAL A 390 -3.51 11.59 22.78
N PRO A 391 -4.19 10.72 23.50
CA PRO A 391 -5.65 10.68 23.55
C PRO A 391 -6.27 11.99 24.01
N LYS A 392 -7.31 12.44 23.33
CA LYS A 392 -8.00 13.66 23.72
C LYS A 392 -8.93 13.28 24.85
N LYS A 393 -9.28 14.24 25.70
CA LYS A 393 -10.14 13.99 26.85
C LYS A 393 -11.46 13.28 26.57
N LEU A 394 -12.25 13.86 25.67
CA LEU A 394 -13.56 13.32 25.30
C LEU A 394 -14.57 13.55 26.43
N VAL A 395 -15.28 14.68 26.36
CA VAL A 395 -16.27 15.05 27.36
C VAL A 395 -17.60 14.27 27.25
N PHE A 396 -17.74 13.44 26.22
CA PHE A 396 -18.94 12.63 25.99
C PHE A 396 -20.14 13.50 25.57
N GLY B 17 -27.86 1.45 7.13
CA GLY B 17 -26.84 1.93 8.12
C GLY B 17 -25.79 2.86 7.48
N ALA B 18 -26.31 3.79 6.69
CA ALA B 18 -25.55 4.79 5.89
C ALA B 18 -24.10 5.08 6.36
N PHE B 19 -23.30 5.30 5.32
CA PHE B 19 -21.85 5.64 5.36
C PHE B 19 -21.42 5.85 3.91
N MET B 20 -20.36 6.61 3.70
CA MET B 20 -19.90 6.83 2.34
C MET B 20 -18.49 6.27 2.14
N PHE B 21 -18.11 6.04 0.89
CA PHE B 21 -16.80 5.50 0.61
C PHE B 21 -16.24 6.06 -0.69
N THR B 22 -14.91 6.15 -0.76
CA THR B 22 -14.23 6.68 -1.93
C THR B 22 -13.10 5.75 -2.35
N SER B 23 -12.88 5.68 -3.66
CA SER B 23 -11.82 4.85 -4.22
C SER B 23 -11.23 5.57 -5.41
N GLU B 24 -10.01 5.17 -5.77
CA GLU B 24 -9.35 5.82 -6.89
C GLU B 24 -8.65 4.85 -7.83
N SER B 25 -8.26 5.36 -8.99
CA SER B 25 -7.58 4.59 -10.01
C SER B 25 -6.80 5.53 -10.89
N VAL B 26 -5.81 4.99 -11.59
CA VAL B 26 -4.98 5.79 -12.46
C VAL B 26 -4.85 5.17 -13.84
N GLY B 27 -4.63 6.02 -14.83
CA GLY B 27 -4.50 5.54 -16.19
C GLY B 27 -3.17 4.87 -16.47
N GLU B 28 -3.05 4.31 -17.68
CA GLU B 28 -1.83 3.63 -18.11
C GLU B 28 -0.65 4.58 -18.18
N GLY B 29 -0.96 5.88 -18.21
CA GLY B 29 0.10 6.88 -18.29
C GLY B 29 0.70 7.31 -16.97
N HIS B 30 0.05 6.94 -15.86
CA HIS B 30 0.52 7.34 -14.56
C HIS B 30 1.89 6.74 -14.36
N PRO B 31 2.87 7.56 -13.96
CA PRO B 31 4.26 7.16 -13.73
C PRO B 31 4.41 5.80 -13.04
N ASP B 32 3.71 5.62 -11.92
CA ASP B 32 3.78 4.37 -11.19
C ASP B 32 3.25 3.20 -12.01
N LYS B 33 2.14 3.42 -12.71
CA LYS B 33 1.56 2.36 -13.52
C LYS B 33 2.37 2.01 -14.75
N ILE B 34 3.18 2.95 -15.22
CA ILE B 34 4.02 2.69 -16.38
C ILE B 34 5.07 1.68 -15.95
N CYS B 35 5.59 1.88 -14.75
CA CYS B 35 6.60 0.99 -14.17
C CYS B 35 5.99 -0.38 -13.89
N ASP B 36 4.76 -0.40 -13.40
CA ASP B 36 4.08 -1.65 -13.09
C ASP B 36 3.93 -2.45 -14.37
N GLN B 37 3.56 -1.76 -15.44
CA GLN B 37 3.37 -2.39 -16.75
C GLN B 37 4.68 -2.87 -17.38
N ILE B 38 5.68 -2.00 -17.37
CA ILE B 38 6.98 -2.34 -17.93
C ILE B 38 7.56 -3.55 -17.21
N SER B 39 7.44 -3.56 -15.88
CA SER B 39 7.95 -4.66 -15.08
C SER B 39 7.25 -5.96 -15.43
N ASP B 40 5.94 -5.89 -15.63
CA ASP B 40 5.17 -7.07 -16.00
C ASP B 40 5.39 -7.46 -17.45
N ALA B 41 5.75 -6.47 -18.27
CA ALA B 41 6.00 -6.72 -19.69
C ALA B 41 7.25 -7.58 -19.79
N VAL B 42 8.21 -7.29 -18.92
CA VAL B 42 9.46 -8.05 -18.90
C VAL B 42 9.16 -9.46 -18.40
N LEU B 43 8.18 -9.56 -17.53
CA LEU B 43 7.78 -10.86 -16.98
C LEU B 43 7.13 -11.69 -18.09
N ASP B 44 6.25 -11.05 -18.88
CA ASP B 44 5.59 -11.73 -19.98
C ASP B 44 6.61 -12.19 -21.00
N ALA B 45 7.51 -11.28 -21.37
CA ALA B 45 8.55 -11.56 -22.35
C ALA B 45 9.40 -12.78 -22.01
N HIS B 46 9.48 -13.11 -20.72
CA HIS B 46 10.26 -14.26 -20.30
C HIS B 46 9.43 -15.54 -20.27
N LEU B 47 8.20 -15.43 -19.80
CA LEU B 47 7.29 -16.57 -19.71
C LEU B 47 7.03 -17.20 -21.08
N LYS B 48 7.00 -16.34 -22.11
CA LYS B 48 6.74 -16.82 -23.46
C LYS B 48 7.81 -17.77 -23.99
N GLN B 49 9.04 -17.64 -23.50
CA GLN B 49 10.14 -18.49 -23.93
C GLN B 49 10.65 -19.43 -22.86
N ASP B 50 10.19 -19.22 -21.63
CA ASP B 50 10.61 -20.03 -20.51
C ASP B 50 9.60 -19.82 -19.38
N PRO B 51 8.54 -20.63 -19.36
CA PRO B 51 7.46 -20.60 -18.37
C PRO B 51 7.93 -20.85 -16.94
N ASN B 52 9.20 -21.17 -16.78
CA ASN B 52 9.75 -21.41 -15.45
C ASN B 52 10.75 -20.32 -15.11
N ALA B 53 10.77 -19.26 -15.92
CA ALA B 53 11.68 -18.15 -15.71
C ALA B 53 11.41 -17.51 -14.36
N LYS B 54 12.47 -17.26 -13.60
CA LYS B 54 12.34 -16.63 -12.29
C LYS B 54 12.53 -15.14 -12.47
N VAL B 55 11.43 -14.40 -12.35
CA VAL B 55 11.44 -12.96 -12.52
C VAL B 55 11.20 -12.18 -11.24
N ALA B 56 12.10 -11.22 -11.02
CA ALA B 56 12.05 -10.35 -9.86
C ALA B 56 12.67 -9.05 -10.33
N CYS B 57 11.86 -8.21 -10.96
CA CYS B 57 12.35 -6.93 -11.46
C CYS B 57 11.40 -5.80 -11.14
N GLU B 58 11.91 -4.57 -11.20
CA GLU B 58 11.12 -3.37 -10.96
C GLU B 58 11.63 -2.24 -11.85
N THR B 59 10.79 -1.24 -12.05
CA THR B 59 11.13 -0.11 -12.93
C THR B 59 10.97 1.24 -12.24
N VAL B 60 11.76 2.20 -12.68
CA VAL B 60 11.74 3.57 -12.16
C VAL B 60 11.80 4.47 -13.38
N CYS B 61 10.94 5.50 -13.41
CA CYS B 61 10.95 6.42 -14.54
C CYS B 61 10.89 7.85 -14.11
N LYS B 62 11.37 8.74 -14.97
CA LYS B 62 11.38 10.17 -14.67
C LYS B 62 11.71 10.96 -15.94
N THR B 63 10.68 11.51 -16.56
CA THR B 63 10.79 12.31 -17.79
C THR B 63 11.75 11.76 -18.84
N GLY B 64 11.28 10.85 -19.69
CA GLY B 64 12.14 10.30 -20.72
C GLY B 64 13.38 9.63 -20.18
N MET B 65 13.22 8.91 -19.07
CA MET B 65 14.31 8.19 -18.43
C MET B 65 13.72 7.01 -17.68
N VAL B 66 13.95 5.82 -18.20
CA VAL B 66 13.44 4.59 -17.62
C VAL B 66 14.58 3.71 -17.14
N LEU B 67 14.51 3.29 -15.88
CA LEU B 67 15.53 2.46 -15.29
C LEU B 67 14.96 1.10 -14.98
N LEU B 68 15.52 0.07 -15.60
CA LEU B 68 15.07 -1.29 -15.37
C LEU B 68 16.06 -1.95 -14.42
N CYS B 69 15.58 -2.33 -13.24
CA CYS B 69 16.39 -2.98 -12.24
C CYS B 69 15.85 -4.38 -12.03
N GLY B 70 16.63 -5.25 -11.41
CA GLY B 70 16.12 -6.58 -11.17
C GLY B 70 17.08 -7.75 -11.30
N GLU B 71 16.64 -8.88 -10.74
CA GLU B 71 17.38 -10.13 -10.76
C GLU B 71 16.45 -11.16 -11.36
N ILE B 72 16.77 -11.63 -12.57
CA ILE B 72 15.92 -12.63 -13.20
C ILE B 72 16.68 -13.82 -13.75
N THR B 73 16.40 -14.97 -13.15
CA THR B 73 17.02 -16.21 -13.56
C THR B 73 16.12 -16.86 -14.61
N SER B 74 16.53 -16.75 -15.86
CA SER B 74 15.77 -17.33 -16.97
C SER B 74 16.68 -17.82 -18.08
N MET B 75 16.07 -18.50 -19.04
CA MET B 75 16.79 -19.02 -20.19
C MET B 75 16.01 -18.66 -21.45
N ALA B 76 15.95 -17.37 -21.72
CA ALA B 76 15.26 -16.85 -22.88
C ALA B 76 15.98 -15.59 -23.34
N MET B 77 16.01 -15.38 -24.66
CA MET B 77 16.67 -14.21 -25.21
C MET B 77 15.69 -13.05 -25.37
N ILE B 78 15.87 -12.03 -24.54
CA ILE B 78 14.99 -10.86 -24.55
C ILE B 78 15.71 -9.55 -24.83
N ASP B 79 15.08 -8.71 -25.65
CA ASP B 79 15.60 -7.40 -26.01
C ASP B 79 14.89 -6.42 -25.08
N TYR B 80 15.49 -6.16 -23.92
CA TYR B 80 14.90 -5.24 -22.95
C TYR B 80 14.57 -3.86 -23.50
N GLN B 81 15.37 -3.38 -24.44
CA GLN B 81 15.12 -2.08 -25.05
C GLN B 81 13.78 -2.16 -25.75
N ARG B 82 13.60 -3.27 -26.48
CA ARG B 82 12.37 -3.51 -27.24
C ARG B 82 11.13 -3.67 -26.35
N VAL B 83 11.25 -4.45 -25.27
CA VAL B 83 10.13 -4.67 -24.37
C VAL B 83 9.74 -3.43 -23.56
N VAL B 84 10.71 -2.55 -23.30
CA VAL B 84 10.43 -1.34 -22.55
C VAL B 84 9.83 -0.28 -23.46
N ARG B 85 10.44 -0.08 -24.61
CA ARG B 85 9.95 0.90 -25.58
C ARG B 85 8.59 0.51 -26.15
N ASP B 86 8.37 -0.78 -26.37
CA ASP B 86 7.09 -1.23 -26.90
C ASP B 86 5.99 -0.96 -25.90
N THR B 87 6.31 -1.13 -24.62
CA THR B 87 5.33 -0.89 -23.57
C THR B 87 4.98 0.58 -23.46
N ILE B 88 5.97 1.44 -23.67
CA ILE B 88 5.74 2.88 -23.60
C ILE B 88 4.90 3.30 -24.81
N LYS B 89 5.14 2.66 -25.94
CA LYS B 89 4.40 2.95 -27.17
C LYS B 89 2.95 2.55 -26.99
N HIS B 90 2.73 1.36 -26.45
CA HIS B 90 1.40 0.82 -26.20
C HIS B 90 0.59 1.78 -25.34
N ILE B 91 1.25 2.34 -24.33
CA ILE B 91 0.60 3.27 -23.43
C ILE B 91 0.15 4.53 -24.16
N GLY B 92 0.85 4.84 -25.26
CA GLY B 92 0.48 6.04 -26.01
C GLY B 92 1.50 7.17 -26.02
N TYR B 93 2.73 6.85 -25.59
CA TYR B 93 3.78 7.85 -25.57
C TYR B 93 4.66 7.72 -26.80
N ASP B 94 4.25 8.43 -27.85
CA ASP B 94 4.97 8.41 -29.11
C ASP B 94 5.47 9.80 -29.52
N ASP B 95 4.82 10.84 -29.00
CA ASP B 95 5.23 12.20 -29.32
C ASP B 95 6.01 12.83 -28.17
N SER B 96 6.74 13.89 -28.50
CA SER B 96 7.57 14.62 -27.55
C SER B 96 6.83 15.30 -26.40
N ALA B 97 5.96 16.24 -26.74
CA ALA B 97 5.20 17.02 -25.77
C ALA B 97 4.39 16.25 -24.74
N LYS B 98 4.12 14.97 -25.01
CA LYS B 98 3.35 14.13 -24.09
C LYS B 98 4.10 13.75 -22.80
N GLY B 99 5.37 14.10 -22.74
CA GLY B 99 6.19 13.80 -21.57
C GLY B 99 6.91 12.46 -21.66
N PHE B 100 6.86 11.85 -22.83
CA PHE B 100 7.50 10.57 -23.05
C PHE B 100 7.40 10.17 -24.52
N ASP B 101 8.49 9.66 -25.06
CA ASP B 101 8.52 9.23 -26.45
C ASP B 101 9.39 7.98 -26.50
N PHE B 102 8.75 6.83 -26.72
CA PHE B 102 9.46 5.55 -26.76
C PHE B 102 10.66 5.52 -27.70
N LYS B 103 10.68 6.42 -28.68
CA LYS B 103 11.77 6.46 -29.65
C LYS B 103 12.96 7.27 -29.16
N THR B 104 12.71 8.17 -28.22
CA THR B 104 13.77 9.03 -27.71
C THR B 104 14.14 8.91 -26.23
N CYS B 105 13.27 8.31 -25.43
CA CYS B 105 13.55 8.19 -24.01
C CYS B 105 14.74 7.30 -23.66
N ASN B 106 15.39 7.63 -22.55
CA ASN B 106 16.54 6.90 -22.05
C ASN B 106 16.13 5.64 -21.32
N VAL B 107 16.52 4.48 -21.84
CA VAL B 107 16.20 3.21 -21.22
C VAL B 107 17.46 2.58 -20.65
N LEU B 108 17.74 2.90 -19.39
CA LEU B 108 18.92 2.38 -18.71
C LEU B 108 18.60 1.02 -18.08
N VAL B 109 19.19 -0.04 -18.62
CA VAL B 109 18.96 -1.39 -18.12
C VAL B 109 20.07 -1.87 -17.22
N ALA B 110 19.78 -1.98 -15.93
CA ALA B 110 20.74 -2.45 -14.93
C ALA B 110 20.32 -3.85 -14.44
N LEU B 111 19.63 -4.55 -15.33
CA LEU B 111 19.08 -5.91 -15.09
C LEU B 111 20.21 -6.97 -15.09
N GLU B 112 20.13 -7.86 -14.11
CA GLU B 112 21.08 -9.00 -13.97
C GLU B 112 20.35 -10.29 -14.36
N GLN B 113 20.82 -10.96 -15.41
CA GLN B 113 20.13 -12.20 -15.82
C GLN B 113 21.03 -13.44 -15.86
N GLN B 114 20.68 -14.46 -15.07
CA GLN B 114 21.45 -15.70 -15.03
C GLN B 114 20.97 -16.60 -16.17
N SER B 115 21.06 -17.92 -15.96
CA SER B 115 20.64 -18.87 -16.99
C SER B 115 19.94 -20.15 -16.51
N PRO B 116 20.47 -20.85 -15.50
CA PRO B 116 19.88 -22.09 -14.97
C PRO B 116 18.91 -21.84 -13.80
N GLU B 129 4.00 -29.70 -7.21
CA GLU B 129 2.60 -29.58 -6.71
C GLU B 129 2.60 -29.31 -5.21
N ASP B 130 3.52 -29.95 -4.50
CA ASP B 130 3.64 -29.78 -3.06
C ASP B 130 4.93 -29.05 -2.73
N VAL B 131 5.23 -28.03 -3.51
CA VAL B 131 6.46 -27.23 -3.35
C VAL B 131 6.75 -26.73 -1.94
N GLY B 132 6.03 -25.71 -1.51
CA GLY B 132 6.26 -25.16 -0.18
C GLY B 132 6.33 -23.67 -0.29
N ALA B 133 5.40 -22.99 0.38
CA ALA B 133 5.32 -21.55 0.40
C ALA B 133 6.56 -20.81 0.89
N GLY B 134 7.01 -19.88 0.05
CA GLY B 134 8.15 -19.04 0.38
C GLY B 134 7.68 -17.89 1.27
N ASP B 135 8.46 -17.55 2.29
CA ASP B 135 8.24 -16.45 3.20
C ASP B 135 6.91 -16.59 3.96
N GLN B 136 6.97 -16.66 5.29
CA GLN B 136 5.77 -16.45 6.10
C GLN B 136 4.86 -15.41 5.43
N GLY B 137 3.58 -15.72 5.27
CA GLY B 137 2.70 -14.77 4.63
C GLY B 137 1.27 -14.84 5.08
N LEU B 138 0.52 -13.81 4.73
CA LEU B 138 -0.89 -13.69 5.07
C LEU B 138 -1.57 -12.95 3.93
N MET B 139 -2.28 -13.67 3.08
CA MET B 139 -2.99 -13.07 1.95
C MET B 139 -4.47 -12.89 2.25
N PHE B 140 -5.04 -11.85 1.68
CA PHE B 140 -6.45 -11.53 1.86
C PHE B 140 -7.22 -11.67 0.57
N GLY B 141 -8.52 -11.93 0.69
CA GLY B 141 -9.38 -12.09 -0.47
C GLY B 141 -10.70 -11.39 -0.16
N TYR B 142 -11.27 -10.72 -1.16
CA TYR B 142 -12.51 -10.00 -0.92
C TYR B 142 -13.47 -10.03 -2.09
N ALA B 143 -14.77 -10.00 -1.77
CA ALA B 143 -15.82 -10.06 -2.76
C ALA B 143 -17.13 -9.60 -2.16
N THR B 144 -17.94 -8.93 -2.97
CA THR B 144 -19.23 -8.43 -2.54
C THR B 144 -20.16 -8.47 -3.74
N ASP B 145 -21.45 -8.73 -3.50
CA ASP B 145 -22.41 -8.81 -4.60
C ASP B 145 -23.02 -7.50 -5.13
N GLU B 146 -22.46 -6.36 -4.72
CA GLU B 146 -22.99 -5.08 -5.16
C GLU B 146 -22.83 -4.81 -6.64
N THR B 147 -22.02 -5.61 -7.31
CA THR B 147 -21.79 -5.48 -8.75
C THR B 147 -21.58 -6.87 -9.31
N GLU B 148 -21.77 -7.05 -10.62
CA GLU B 148 -21.60 -8.36 -11.23
C GLU B 148 -20.15 -8.84 -11.16
N GLU B 149 -19.20 -7.91 -11.06
CA GLU B 149 -17.79 -8.27 -10.96
C GLU B 149 -17.42 -8.81 -9.59
N CYS B 150 -18.30 -8.58 -8.61
CA CYS B 150 -18.08 -9.01 -7.22
C CYS B 150 -16.99 -8.16 -6.57
N MET B 151 -16.96 -6.90 -6.98
CA MET B 151 -16.00 -5.92 -6.48
C MET B 151 -16.74 -4.64 -6.07
N PRO B 152 -16.19 -3.86 -5.15
CA PRO B 152 -16.80 -2.61 -4.68
C PRO B 152 -17.16 -1.68 -5.84
N LEU B 153 -18.36 -1.13 -5.80
CA LEU B 153 -18.82 -0.25 -6.88
C LEU B 153 -17.86 0.90 -7.07
N THR B 154 -17.43 1.48 -5.96
CA THR B 154 -16.53 2.61 -5.96
C THR B 154 -15.25 2.39 -6.77
N ILE B 155 -14.60 1.25 -6.57
CA ILE B 155 -13.37 0.95 -7.30
C ILE B 155 -13.65 0.50 -8.73
N VAL B 156 -14.76 -0.20 -8.95
CA VAL B 156 -15.10 -0.69 -10.27
C VAL B 156 -15.33 0.49 -11.21
N LEU B 157 -16.11 1.45 -10.75
CA LEU B 157 -16.41 2.65 -11.53
C LEU B 157 -15.13 3.44 -11.77
N ALA B 158 -14.31 3.54 -10.73
CA ALA B 158 -13.05 4.26 -10.81
C ALA B 158 -12.18 3.68 -11.93
N HIS B 159 -12.14 2.35 -12.01
CA HIS B 159 -11.36 1.66 -13.03
C HIS B 159 -11.99 1.85 -14.40
N LYS B 160 -13.27 1.53 -14.51
CA LYS B 160 -14.00 1.65 -15.77
C LYS B 160 -13.94 3.07 -16.35
N LEU B 161 -13.89 4.06 -15.48
CA LEU B 161 -13.83 5.45 -15.90
C LEU B 161 -12.54 5.68 -16.68
N ASN B 162 -11.43 5.16 -16.15
CA ASN B 162 -10.12 5.27 -16.80
C ASN B 162 -10.08 4.41 -18.06
N THR B 163 -10.70 3.24 -18.02
CA THR B 163 -10.72 2.33 -19.15
C THR B 163 -11.40 2.96 -20.35
N ARG B 164 -12.54 3.59 -20.11
CA ARG B 164 -13.29 4.25 -21.18
C ARG B 164 -12.47 5.35 -21.86
N MET B 165 -11.72 6.09 -21.06
CA MET B 165 -10.93 7.18 -21.58
C MET B 165 -9.85 6.69 -22.53
N ALA B 166 -9.32 5.50 -22.23
CA ALA B 166 -8.29 4.89 -23.05
C ALA B 166 -8.90 4.43 -24.36
N ASP B 167 -10.15 3.98 -24.28
CA ASP B 167 -10.87 3.53 -25.47
C ASP B 167 -11.07 4.69 -26.42
N LEU B 168 -11.65 5.78 -25.90
CA LEU B 168 -11.90 6.98 -26.70
C LEU B 168 -10.60 7.56 -27.24
N ARG B 169 -9.51 7.32 -26.50
CA ARG B 169 -8.19 7.80 -26.89
C ARG B 169 -7.72 6.99 -28.09
N ARG B 170 -7.77 5.67 -27.94
CA ARG B 170 -7.34 4.75 -29.00
C ARG B 170 -8.27 4.59 -30.19
N SER B 171 -9.54 4.95 -30.01
CA SER B 171 -10.51 4.86 -31.08
C SER B 171 -10.39 6.10 -31.96
N GLY B 172 -10.26 7.26 -31.32
CA GLY B 172 -10.14 8.51 -32.06
C GLY B 172 -11.24 9.48 -31.66
N VAL B 173 -12.25 8.96 -30.98
CA VAL B 173 -13.40 9.75 -30.53
C VAL B 173 -13.00 11.01 -29.77
N LEU B 174 -12.04 10.88 -28.88
CA LEU B 174 -11.52 11.99 -28.09
C LEU B 174 -10.02 11.98 -28.33
N PRO B 175 -9.55 12.55 -29.46
CA PRO B 175 -8.14 12.61 -29.84
C PRO B 175 -7.25 13.55 -29.02
N TRP B 176 -7.86 14.31 -28.10
CA TRP B 176 -7.09 15.25 -27.27
C TRP B 176 -6.65 14.56 -25.99
N LEU B 177 -7.29 13.43 -25.72
CA LEU B 177 -7.00 12.63 -24.54
C LEU B 177 -5.59 12.04 -24.59
N ARG B 178 -4.87 12.20 -23.47
CA ARG B 178 -3.51 11.66 -23.32
C ARG B 178 -3.45 10.57 -22.23
N PRO B 179 -2.42 9.71 -22.28
CA PRO B 179 -2.26 8.55 -21.39
C PRO B 179 -2.43 8.73 -19.85
N ASP B 180 -1.79 9.73 -19.26
CA ASP B 180 -1.90 9.94 -17.82
C ASP B 180 -3.26 10.48 -17.37
N SER B 181 -3.82 9.80 -16.37
CA SER B 181 -5.10 10.18 -15.80
C SER B 181 -5.25 9.65 -14.37
N LYS B 182 -6.17 10.25 -13.62
CA LYS B 182 -6.46 9.86 -12.24
C LYS B 182 -7.96 9.93 -12.04
N THR B 183 -8.52 8.96 -11.34
CA THR B 183 -9.95 8.90 -11.11
C THR B 183 -10.30 8.62 -9.67
N GLN B 184 -11.36 9.26 -9.18
CA GLN B 184 -11.87 9.11 -7.81
C GLN B 184 -13.35 9.03 -7.86
N VAL B 185 -13.90 8.00 -7.23
CA VAL B 185 -15.34 7.83 -7.18
C VAL B 185 -15.77 7.62 -5.73
N THR B 186 -16.70 8.46 -5.27
CA THR B 186 -17.21 8.34 -3.91
C THR B 186 -18.70 8.07 -3.97
N VAL B 187 -19.10 6.91 -3.46
CA VAL B 187 -20.49 6.48 -3.46
C VAL B 187 -21.09 6.39 -2.05
N GLN B 188 -22.34 6.82 -1.93
CA GLN B 188 -23.04 6.77 -0.66
C GLN B 188 -23.66 5.39 -0.49
N TYR B 189 -23.38 4.76 0.64
CA TYR B 189 -23.91 3.43 0.90
C TYR B 189 -24.95 3.35 2.01
N VAL B 190 -25.34 2.09 2.29
CA VAL B 190 -26.32 1.75 3.31
C VAL B 190 -26.24 0.24 3.51
N GLN B 191 -26.08 -0.18 4.77
CA GLN B 191 -25.99 -1.60 5.10
C GLN B 191 -27.33 -2.29 4.86
N ASP B 192 -27.37 -3.60 5.09
CA ASP B 192 -28.59 -4.37 4.90
C ASP B 192 -28.52 -5.74 5.56
N ASN B 193 -28.90 -5.78 6.84
CA ASN B 193 -28.90 -7.02 7.62
C ASN B 193 -27.96 -8.07 7.07
N GLY B 194 -26.81 -7.58 6.77
CA GLY B 194 -25.73 -8.36 6.19
C GLY B 194 -24.65 -7.37 5.78
N ALA B 195 -24.82 -6.76 4.60
CA ALA B 195 -23.83 -5.75 4.22
C ALA B 195 -23.88 -5.17 2.80
N VAL B 196 -23.32 -3.96 2.85
CA VAL B 196 -23.00 -3.00 1.77
C VAL B 196 -23.88 -3.05 0.51
N ILE B 197 -24.71 -2.01 0.40
CA ILE B 197 -25.57 -1.77 -0.77
C ILE B 197 -25.40 -0.32 -1.23
N PRO B 198 -24.84 -0.10 -2.44
CA PRO B 198 -24.63 1.25 -2.97
C PRO B 198 -25.95 1.94 -3.30
N VAL B 199 -26.03 3.23 -2.99
CA VAL B 199 -27.24 3.99 -3.24
C VAL B 199 -27.10 4.97 -4.42
N ARG B 200 -26.02 5.74 -4.42
CA ARG B 200 -25.80 6.72 -5.48
C ARG B 200 -24.37 7.25 -5.47
N VAL B 201 -23.95 7.80 -6.61
CA VAL B 201 -22.62 8.36 -6.74
C VAL B 201 -22.67 9.79 -6.20
N HIS B 202 -22.06 10.01 -5.04
CA HIS B 202 -22.05 11.32 -4.41
C HIS B 202 -21.26 12.34 -5.23
N THR B 203 -20.03 11.99 -5.57
CA THR B 203 -19.17 12.87 -6.37
C THR B 203 -18.12 12.08 -7.15
N ILE B 204 -17.71 12.65 -8.28
CA ILE B 204 -16.73 12.04 -9.16
C ILE B 204 -15.66 13.06 -9.50
N VAL B 205 -14.40 12.64 -9.36
CA VAL B 205 -13.26 13.51 -9.66
C VAL B 205 -12.40 12.80 -10.67
N ILE B 206 -12.18 13.46 -11.79
CA ILE B 206 -11.37 12.90 -12.84
C ILE B 206 -10.45 13.93 -13.48
N SER B 207 -9.19 13.55 -13.59
CA SER B 207 -8.17 14.39 -14.17
C SER B 207 -7.45 13.58 -15.23
N VAL B 208 -7.30 14.17 -16.41
CA VAL B 208 -6.64 13.47 -17.50
C VAL B 208 -5.73 14.40 -18.29
N GLN B 209 -4.59 13.86 -18.72
CA GLN B 209 -3.63 14.62 -19.49
C GLN B 209 -4.28 14.95 -20.83
N HIS B 210 -3.81 16.00 -21.49
CA HIS B 210 -4.40 16.41 -22.76
C HIS B 210 -3.50 17.23 -23.68
N ASN B 211 -3.97 17.38 -24.92
CA ASN B 211 -3.27 18.15 -25.94
C ASN B 211 -3.60 19.63 -25.72
N GLU B 212 -2.79 20.53 -26.29
CA GLU B 212 -3.00 21.97 -26.14
C GLU B 212 -4.28 22.53 -26.79
N ASP B 213 -4.54 22.11 -28.02
CA ASP B 213 -5.70 22.57 -28.79
C ASP B 213 -7.04 21.98 -28.38
N ILE B 214 -7.45 22.25 -27.15
CA ILE B 214 -8.73 21.77 -26.64
C ILE B 214 -9.06 22.56 -25.37
N THR B 215 -10.19 23.26 -25.41
CA THR B 215 -10.65 24.07 -24.29
C THR B 215 -11.07 23.27 -23.05
N LEU B 216 -10.87 23.90 -21.90
CA LEU B 216 -11.21 23.30 -20.61
C LEU B 216 -12.71 23.06 -20.56
N GLU B 217 -13.50 23.89 -21.25
CA GLU B 217 -14.94 23.72 -21.26
C GLU B 217 -15.35 22.49 -22.07
N ALA B 218 -14.66 22.27 -23.19
CA ALA B 218 -14.94 21.12 -24.05
C ALA B 218 -14.52 19.80 -23.40
N MET B 219 -13.45 19.85 -22.61
CA MET B 219 -12.95 18.66 -21.95
C MET B 219 -13.96 18.21 -20.90
N ARG B 220 -14.30 19.11 -20.00
CA ARG B 220 -15.25 18.84 -18.93
C ARG B 220 -16.61 18.35 -19.44
N GLU B 221 -17.00 18.79 -20.63
CA GLU B 221 -18.26 18.38 -21.21
C GLU B 221 -18.15 16.94 -21.71
N ALA B 222 -17.05 16.64 -22.39
CA ALA B 222 -16.81 15.30 -22.91
C ALA B 222 -16.67 14.27 -21.80
N LEU B 223 -16.05 14.68 -20.69
CA LEU B 223 -15.85 13.80 -19.55
C LEU B 223 -17.17 13.40 -18.90
N LYS B 224 -18.13 14.34 -18.88
CA LYS B 224 -19.43 14.07 -18.27
C LYS B 224 -20.35 13.24 -19.16
N GLU B 225 -20.45 13.61 -20.43
CA GLU B 225 -21.33 12.91 -21.35
C GLU B 225 -20.75 11.65 -21.95
N GLN B 226 -19.54 11.75 -22.50
CA GLN B 226 -18.92 10.61 -23.15
C GLN B 226 -18.20 9.56 -22.30
N VAL B 227 -17.72 9.93 -21.11
CA VAL B 227 -17.03 8.96 -20.27
C VAL B 227 -17.82 8.56 -19.02
N ILE B 228 -18.20 9.53 -18.20
CA ILE B 228 -18.94 9.28 -16.97
C ILE B 228 -20.31 8.67 -17.22
N LYS B 229 -21.15 9.39 -17.96
CA LYS B 229 -22.50 8.91 -18.25
C LYS B 229 -22.53 7.66 -19.14
N ALA B 230 -21.41 7.34 -19.78
CA ALA B 230 -21.35 6.16 -20.64
C ALA B 230 -20.91 4.90 -19.90
N VAL B 231 -20.55 5.06 -18.63
CA VAL B 231 -20.09 3.94 -17.82
C VAL B 231 -20.82 3.77 -16.49
N VAL B 232 -21.26 4.89 -15.92
CA VAL B 232 -21.98 4.86 -14.65
C VAL B 232 -23.47 4.61 -14.83
N PRO B 233 -23.99 3.52 -14.25
CA PRO B 233 -25.40 3.14 -14.33
C PRO B 233 -26.32 4.29 -13.91
N ALA B 234 -27.36 4.52 -14.73
CA ALA B 234 -28.33 5.58 -14.50
C ALA B 234 -28.82 5.61 -13.06
N LYS B 235 -29.03 4.43 -12.49
CA LYS B 235 -29.51 4.28 -11.14
C LYS B 235 -28.69 5.10 -10.14
N TYR B 236 -27.39 5.20 -10.38
CA TYR B 236 -26.51 5.94 -9.47
C TYR B 236 -26.27 7.42 -9.77
N LEU B 237 -26.43 7.84 -11.02
CA LEU B 237 -26.25 9.26 -11.32
C LEU B 237 -27.42 10.07 -10.81
N ASP B 238 -27.12 11.21 -10.22
CA ASP B 238 -28.13 12.09 -9.62
C ASP B 238 -28.13 13.51 -10.19
N GLU B 239 -29.04 14.34 -9.66
CA GLU B 239 -29.15 15.75 -10.05
C GLU B 239 -28.27 16.52 -9.09
N ASP B 240 -27.81 15.83 -8.05
CA ASP B 240 -26.96 16.41 -7.03
C ASP B 240 -25.53 15.87 -7.10
N THR B 241 -25.34 14.80 -7.88
CA THR B 241 -24.02 14.18 -8.02
C THR B 241 -23.02 15.28 -8.35
N ILE B 242 -21.94 15.34 -7.58
CA ILE B 242 -20.91 16.36 -7.79
C ILE B 242 -19.81 15.91 -8.75
N TYR B 243 -19.52 16.76 -9.73
CA TYR B 243 -18.49 16.47 -10.70
C TYR B 243 -17.33 17.46 -10.59
N HIS B 244 -16.12 16.91 -10.59
CA HIS B 244 -14.89 17.68 -10.51
C HIS B 244 -14.02 17.15 -11.65
N LEU B 245 -14.24 17.71 -12.84
CA LEU B 245 -13.51 17.33 -14.04
C LEU B 245 -12.38 18.32 -14.31
N GLN B 246 -11.13 17.85 -14.29
CA GLN B 246 -9.97 18.71 -14.52
C GLN B 246 -10.02 19.87 -13.53
N PRO B 247 -10.07 19.57 -12.21
CA PRO B 247 -10.15 20.49 -11.09
C PRO B 247 -9.01 21.51 -11.04
N SER B 248 -7.80 21.02 -11.32
CA SER B 248 -6.60 21.85 -11.28
C SER B 248 -6.30 22.59 -12.57
N GLY B 249 -7.30 22.65 -13.47
CA GLY B 249 -7.11 23.36 -14.72
C GLY B 249 -6.52 22.52 -15.84
N ARG B 250 -5.36 22.92 -16.36
CA ARG B 250 -4.73 22.22 -17.45
C ARG B 250 -3.66 21.22 -16.99
N PHE B 251 -3.65 20.09 -17.68
CA PHE B 251 -2.75 18.97 -17.45
C PHE B 251 -2.23 18.60 -18.84
N VAL B 252 -1.39 19.47 -19.40
CA VAL B 252 -0.85 19.22 -20.74
C VAL B 252 0.42 18.35 -20.77
N ILE B 253 1.58 19.01 -20.62
CA ILE B 253 2.86 18.31 -20.66
C ILE B 253 3.11 17.56 -19.35
N GLY B 254 2.01 17.21 -18.68
CA GLY B 254 2.12 16.51 -17.41
C GLY B 254 2.53 15.06 -17.55
N GLY B 255 3.23 14.75 -18.64
CA GLY B 255 3.67 13.38 -18.86
C GLY B 255 4.39 12.78 -17.66
N PRO B 256 4.64 11.47 -17.67
CA PRO B 256 5.31 10.70 -16.61
C PRO B 256 6.56 11.33 -16.06
N GLN B 257 6.35 12.10 -15.01
CA GLN B 257 7.39 12.72 -14.16
C GLN B 257 6.87 12.52 -12.77
N GLY B 258 5.74 13.17 -12.46
CA GLY B 258 5.12 13.06 -11.15
C GLY B 258 6.15 12.74 -10.08
N ASP B 259 7.28 13.42 -10.26
CA ASP B 259 8.45 13.34 -9.43
C ASP B 259 8.88 11.90 -9.21
N ALA B 260 9.12 11.19 -10.30
CA ALA B 260 9.61 9.83 -10.34
C ALA B 260 8.52 8.78 -10.13
N GLY B 261 8.26 8.02 -11.19
CA GLY B 261 7.33 6.89 -11.13
C GLY B 261 8.05 5.64 -10.62
N VAL B 262 7.31 4.76 -9.94
CA VAL B 262 7.90 3.57 -9.35
C VAL B 262 6.96 2.37 -9.40
N THR B 263 7.55 1.19 -9.28
CA THR B 263 6.81 -0.06 -9.31
C THR B 263 6.38 -0.48 -7.91
N GLY B 264 5.15 -0.98 -7.82
CA GLY B 264 4.61 -1.42 -6.54
C GLY B 264 4.19 -0.33 -5.57
N ARG B 265 4.03 0.88 -6.08
CA ARG B 265 3.62 1.98 -5.23
C ARG B 265 2.14 2.28 -5.33
N LYS B 266 1.43 1.51 -6.16
CA LYS B 266 -0.02 1.69 -6.32
C LYS B 266 -0.73 0.41 -5.89
N ILE B 267 -0.37 -0.03 -4.68
CA ILE B 267 -0.88 -1.25 -4.06
C ILE B 267 -2.39 -1.36 -3.82
N ILE B 268 -3.03 -0.25 -3.47
CA ILE B 268 -4.45 -0.28 -3.19
C ILE B 268 -5.33 -0.20 -4.44
N VAL B 269 -4.87 0.51 -5.47
CA VAL B 269 -5.66 0.63 -6.69
C VAL B 269 -5.55 -0.65 -7.49
N ASP B 270 -4.59 -1.50 -7.13
CA ASP B 270 -4.39 -2.77 -7.82
C ASP B 270 -5.26 -3.84 -7.20
N THR B 271 -5.85 -3.53 -6.05
CA THR B 271 -6.68 -4.49 -5.34
C THR B 271 -8.16 -4.16 -5.19
N TYR B 272 -8.57 -3.75 -3.99
CA TYR B 272 -9.98 -3.47 -3.72
C TYR B 272 -10.39 -2.01 -3.46
N GLY B 273 -9.48 -1.06 -3.72
CA GLY B 273 -9.81 0.33 -3.49
C GLY B 273 -10.01 0.65 -2.01
N GLY B 274 -9.30 -0.07 -1.16
CA GLY B 274 -9.36 0.12 0.28
C GLY B 274 -10.56 -0.52 0.97
N TRP B 275 -11.09 -1.58 0.37
CA TRP B 275 -12.24 -2.22 0.96
C TRP B 275 -11.97 -3.53 1.72
N GLY B 276 -11.04 -4.33 1.21
CA GLY B 276 -10.75 -5.57 1.89
C GLY B 276 -9.73 -5.34 2.97
N ALA B 277 -8.56 -5.93 2.80
CA ALA B 277 -7.47 -5.83 3.74
C ALA B 277 -6.24 -6.04 2.88
N HIS B 278 -5.12 -5.47 3.29
CA HIS B 278 -3.91 -5.60 2.49
C HIS B 278 -2.67 -5.68 3.36
N GLY B 279 -1.89 -6.75 3.17
CA GLY B 279 -0.68 -6.94 3.94
C GLY B 279 0.49 -6.07 3.49
N GLY B 280 0.37 -5.50 2.29
CA GLY B 280 1.44 -4.66 1.77
C GLY B 280 2.27 -5.22 0.64
N GLY B 281 1.98 -6.47 0.25
CA GLY B 281 2.73 -7.08 -0.82
C GLY B 281 2.36 -6.56 -2.20
N ALA B 282 3.38 -6.22 -3.01
CA ALA B 282 3.19 -5.72 -4.37
C ALA B 282 3.15 -6.87 -5.37
N PHE B 283 2.40 -6.69 -6.46
CA PHE B 283 2.29 -7.73 -7.49
C PHE B 283 3.28 -7.63 -8.63
N SER B 284 3.13 -6.57 -9.40
CA SER B 284 3.96 -6.28 -10.57
C SER B 284 5.46 -6.50 -10.41
N GLY B 285 6.04 -7.23 -11.35
CA GLY B 285 7.46 -7.49 -11.31
C GLY B 285 7.86 -8.81 -10.68
N LYS B 286 6.90 -9.45 -10.03
CA LYS B 286 7.13 -10.72 -9.36
C LYS B 286 6.45 -11.86 -10.11
N ASP B 287 7.18 -12.97 -10.28
CA ASP B 287 6.63 -14.11 -10.99
C ASP B 287 5.63 -14.89 -10.15
N TYR B 288 5.10 -15.97 -10.73
CA TYR B 288 4.11 -16.80 -10.06
C TYR B 288 4.58 -17.57 -8.83
N THR B 289 5.89 -17.62 -8.58
CA THR B 289 6.37 -18.34 -7.40
C THR B 289 6.28 -17.56 -6.09
N LYS B 290 6.05 -16.25 -6.20
CA LYS B 290 5.91 -15.41 -5.02
C LYS B 290 4.48 -15.46 -4.52
N VAL B 291 4.30 -15.96 -3.30
CA VAL B 291 2.97 -16.07 -2.71
C VAL B 291 2.23 -14.74 -2.66
N ASP B 292 2.97 -13.63 -2.68
CA ASP B 292 2.35 -12.32 -2.65
C ASP B 292 1.40 -12.12 -3.81
N ARG B 293 1.71 -12.72 -4.95
CA ARG B 293 0.88 -12.58 -6.13
C ARG B 293 -0.11 -13.75 -6.22
N SER B 294 0.42 -14.95 -6.44
CA SER B 294 -0.36 -16.16 -6.58
C SER B 294 -1.45 -16.37 -5.54
N ALA B 295 -1.03 -16.44 -4.27
CA ALA B 295 -1.96 -16.65 -3.18
C ALA B 295 -3.02 -15.55 -3.07
N ALA B 296 -2.64 -14.33 -3.41
CA ALA B 296 -3.57 -13.20 -3.36
C ALA B 296 -4.64 -13.45 -4.40
N TYR B 297 -4.21 -13.96 -5.56
CA TYR B 297 -5.11 -14.27 -6.66
C TYR B 297 -6.04 -15.39 -6.22
N ALA B 298 -5.46 -16.43 -5.63
CA ALA B 298 -6.20 -17.59 -5.15
C ALA B 298 -7.26 -17.18 -4.13
N ALA B 299 -6.88 -16.27 -3.22
CA ALA B 299 -7.80 -15.80 -2.19
C ALA B 299 -8.98 -15.04 -2.79
N ARG B 300 -8.72 -14.29 -3.86
CA ARG B 300 -9.78 -13.54 -4.53
C ARG B 300 -10.72 -14.56 -5.16
N TRP B 301 -10.11 -15.56 -5.78
CA TRP B 301 -10.82 -16.63 -6.46
C TRP B 301 -11.90 -17.24 -5.56
N VAL B 302 -11.48 -17.78 -4.42
CA VAL B 302 -12.42 -18.39 -3.48
C VAL B 302 -13.46 -17.40 -2.96
N ALA B 303 -13.06 -16.15 -2.79
CA ALA B 303 -13.98 -15.13 -2.30
C ALA B 303 -15.09 -14.95 -3.33
N LYS B 304 -14.68 -14.77 -4.58
CA LYS B 304 -15.62 -14.58 -5.69
C LYS B 304 -16.49 -15.81 -5.87
N SER B 305 -15.90 -16.99 -5.70
CA SER B 305 -16.63 -18.24 -5.84
C SER B 305 -17.72 -18.37 -4.79
N LEU B 306 -17.39 -18.02 -3.54
CA LEU B 306 -18.33 -18.10 -2.43
C LEU B 306 -19.60 -17.29 -2.65
N VAL B 307 -19.44 -16.00 -2.96
CA VAL B 307 -20.60 -15.14 -3.17
C VAL B 307 -21.39 -15.58 -4.41
N LYS B 308 -20.66 -16.00 -5.45
CA LYS B 308 -21.28 -16.44 -6.69
C LYS B 308 -22.13 -17.67 -6.42
N ALA B 309 -21.66 -18.51 -5.51
CA ALA B 309 -22.36 -19.73 -5.16
C ALA B 309 -23.49 -19.47 -4.16
N GLY B 310 -23.80 -18.19 -3.95
CA GLY B 310 -24.87 -17.81 -3.04
C GLY B 310 -24.62 -18.06 -1.55
N LEU B 311 -23.42 -18.55 -1.24
CA LEU B 311 -23.05 -18.84 0.15
C LEU B 311 -22.83 -17.61 1.03
N CYS B 312 -22.92 -16.42 0.44
CA CYS B 312 -22.75 -15.17 1.15
C CYS B 312 -22.84 -13.99 0.20
N ARG B 313 -23.09 -12.80 0.75
CA ARG B 313 -23.20 -11.58 -0.06
C ARG B 313 -21.94 -10.72 0.00
N ARG B 314 -21.06 -11.03 0.96
CA ARG B 314 -19.83 -10.29 1.17
C ARG B 314 -18.86 -11.11 2.02
N VAL B 315 -17.67 -11.35 1.48
CA VAL B 315 -16.67 -12.13 2.19
C VAL B 315 -15.27 -11.56 2.18
N LEU B 316 -14.54 -11.88 3.24
CA LEU B 316 -13.17 -11.46 3.43
C LEU B 316 -12.43 -12.72 3.82
N VAL B 317 -11.95 -13.45 2.82
CA VAL B 317 -11.23 -14.68 3.08
C VAL B 317 -9.78 -14.35 3.39
N GLN B 318 -9.27 -14.95 4.45
CA GLN B 318 -7.92 -14.73 4.90
C GLN B 318 -7.12 -16.02 4.86
N VAL B 319 -6.11 -16.09 4.01
CA VAL B 319 -5.29 -17.28 3.91
C VAL B 319 -3.87 -17.03 4.40
N SER B 320 -3.43 -17.81 5.38
CA SER B 320 -2.09 -17.68 5.95
C SER B 320 -1.18 -18.82 5.52
N TYR B 321 0.10 -18.53 5.34
CA TYR B 321 1.08 -19.52 4.94
C TYR B 321 2.26 -19.51 5.90
N ALA B 322 2.94 -20.65 5.99
CA ALA B 322 4.11 -20.78 6.84
C ALA B 322 5.30 -21.12 5.94
N ILE B 323 6.39 -20.38 6.12
CA ILE B 323 7.59 -20.58 5.32
C ILE B 323 8.04 -22.04 5.37
N GLY B 324 8.14 -22.65 4.18
CA GLY B 324 8.56 -24.05 4.11
C GLY B 324 7.38 -24.97 3.86
N VAL B 325 6.28 -24.73 4.57
CA VAL B 325 5.08 -25.54 4.44
C VAL B 325 4.29 -25.20 3.17
N ALA B 326 3.79 -26.25 2.51
CA ALA B 326 3.02 -26.10 1.29
C ALA B 326 1.55 -25.80 1.57
N GLU B 327 0.93 -26.66 2.37
CA GLU B 327 -0.47 -26.51 2.72
C GLU B 327 -0.65 -25.24 3.55
N PRO B 328 -1.62 -24.40 3.23
CA PRO B 328 -1.89 -23.15 3.95
C PRO B 328 -1.99 -23.33 5.47
N LEU B 329 -1.36 -22.43 6.21
CA LEU B 329 -1.36 -22.46 7.68
C LEU B 329 -2.53 -21.69 8.26
N SER B 330 -3.74 -22.23 8.07
CA SER B 330 -4.95 -21.66 8.57
C SER B 330 -5.58 -20.62 7.64
N ILE B 331 -6.79 -20.94 7.20
CA ILE B 331 -7.54 -20.05 6.34
C ILE B 331 -8.77 -19.62 7.14
N SER B 332 -9.10 -18.35 7.06
CA SER B 332 -10.24 -17.81 7.78
C SER B 332 -11.20 -17.13 6.82
N ILE B 333 -12.47 -17.47 6.95
CA ILE B 333 -13.48 -16.87 6.11
C ILE B 333 -14.21 -15.83 6.94
N PHE B 334 -14.32 -14.62 6.40
CA PHE B 334 -15.01 -13.57 7.13
C PHE B 334 -16.17 -12.96 6.37
N THR B 335 -17.33 -13.51 6.68
CA THR B 335 -18.60 -13.00 6.20
C THR B 335 -19.03 -11.97 7.21
N TYR B 336 -19.86 -11.06 6.79
CA TYR B 336 -20.33 -10.04 7.71
C TYR B 336 -21.79 -10.33 8.07
N GLY B 337 -22.08 -11.59 8.37
CA GLY B 337 -23.42 -11.99 8.73
C GLY B 337 -24.29 -12.04 7.50
N THR B 338 -23.67 -12.23 6.35
CA THR B 338 -24.38 -12.29 5.08
C THR B 338 -24.59 -13.73 4.61
N SER B 339 -24.01 -14.66 5.37
CA SER B 339 -24.11 -16.08 5.05
C SER B 339 -25.08 -16.82 5.96
N LYS B 340 -25.74 -17.83 5.41
CA LYS B 340 -26.66 -18.64 6.19
C LYS B 340 -25.94 -19.86 6.69
N LYS B 341 -24.92 -20.31 5.95
CA LYS B 341 -24.14 -21.50 6.32
C LYS B 341 -23.39 -21.44 7.65
N THR B 342 -22.72 -20.33 7.92
CA THR B 342 -22.01 -20.12 9.18
C THR B 342 -20.53 -20.50 9.05
N GLU B 343 -19.66 -19.49 9.25
CA GLU B 343 -18.23 -19.74 9.28
C GLU B 343 -17.86 -20.96 10.12
N ARG B 344 -17.18 -21.87 9.44
CA ARG B 344 -16.81 -23.19 9.92
C ARG B 344 -17.90 -24.19 9.55
N GLU B 345 -18.51 -23.89 8.43
CA GLU B 345 -19.35 -24.70 7.58
C GLU B 345 -18.91 -24.31 6.15
N LEU B 346 -18.58 -23.02 6.02
CA LEU B 346 -18.11 -22.45 4.77
C LEU B 346 -16.64 -22.78 4.62
N LEU B 347 -15.94 -22.93 5.75
CA LEU B 347 -14.53 -23.28 5.71
C LEU B 347 -14.35 -24.69 5.16
N GLU B 348 -15.25 -25.59 5.54
CA GLU B 348 -15.19 -26.95 5.06
C GLU B 348 -15.57 -26.94 3.57
N VAL B 349 -16.43 -26.01 3.18
CA VAL B 349 -16.84 -25.90 1.78
C VAL B 349 -15.60 -25.53 0.99
N VAL B 350 -14.81 -24.62 1.54
CA VAL B 350 -13.57 -24.18 0.88
C VAL B 350 -12.52 -25.28 0.90
N ASN B 351 -12.45 -26.01 2.01
CA ASN B 351 -11.47 -27.09 2.14
C ASN B 351 -11.83 -28.31 1.29
N LYS B 352 -13.07 -28.38 0.82
CA LYS B 352 -13.51 -29.50 0.00
C LYS B 352 -13.55 -29.13 -1.47
N ASN B 353 -13.44 -27.83 -1.76
CA ASN B 353 -13.47 -27.34 -3.13
C ASN B 353 -12.14 -26.73 -3.60
N PHE B 354 -11.30 -26.33 -2.65
CA PHE B 354 -10.03 -25.69 -2.97
C PHE B 354 -8.79 -26.31 -2.36
N ASP B 355 -7.70 -26.26 -3.12
CA ASP B 355 -6.39 -26.75 -2.70
C ASP B 355 -5.45 -25.57 -2.91
N LEU B 356 -5.43 -24.69 -1.91
CA LEU B 356 -4.63 -23.47 -1.96
C LEU B 356 -3.11 -23.60 -1.79
N ARG B 357 -2.55 -24.75 -2.14
CA ARG B 357 -1.10 -24.90 -2.04
C ARG B 357 -0.50 -24.13 -3.20
N PRO B 358 0.61 -23.40 -2.97
CA PRO B 358 1.29 -22.61 -4.02
C PRO B 358 1.35 -23.26 -5.39
N GLY B 359 1.98 -24.43 -5.46
CA GLY B 359 2.09 -25.13 -6.72
C GLY B 359 0.76 -25.42 -7.41
N VAL B 360 -0.22 -25.86 -6.65
CA VAL B 360 -1.53 -26.17 -7.21
C VAL B 360 -2.20 -24.92 -7.72
N ILE B 361 -1.99 -23.81 -7.03
CA ILE B 361 -2.58 -22.53 -7.43
C ILE B 361 -2.12 -22.16 -8.83
N VAL B 362 -0.81 -22.17 -9.05
CA VAL B 362 -0.26 -21.81 -10.36
C VAL B 362 -0.75 -22.74 -11.47
N ARG B 363 -0.96 -24.01 -11.14
CA ARG B 363 -1.42 -24.98 -12.12
C ARG B 363 -2.88 -24.75 -12.44
N ASP B 364 -3.70 -24.64 -11.41
CA ASP B 364 -5.13 -24.43 -11.58
C ASP B 364 -5.46 -23.08 -12.20
N LEU B 365 -4.72 -22.05 -11.81
CA LEU B 365 -4.94 -20.71 -12.33
C LEU B 365 -4.14 -20.39 -13.58
N ASP B 366 -3.37 -21.35 -14.07
CA ASP B 366 -2.56 -21.16 -15.27
C ASP B 366 -1.68 -19.94 -15.12
N LEU B 367 -0.98 -19.85 -14.00
CA LEU B 367 -0.11 -18.71 -13.71
C LEU B 367 1.25 -18.62 -14.41
N LYS B 368 1.52 -19.52 -15.35
CA LYS B 368 2.78 -19.47 -16.07
C LYS B 368 2.55 -18.79 -17.40
N LYS B 369 1.30 -18.39 -17.63
CA LYS B 369 0.90 -17.74 -18.88
C LYS B 369 1.22 -16.23 -18.80
N PRO B 370 1.66 -15.63 -19.93
CA PRO B 370 1.99 -14.20 -19.93
C PRO B 370 0.79 -13.27 -20.03
N ILE B 371 0.06 -13.10 -18.93
CA ILE B 371 -1.11 -12.23 -18.91
C ILE B 371 -0.88 -11.10 -17.93
N TYR B 372 0.28 -11.13 -17.28
CA TYR B 372 0.65 -10.14 -16.28
C TYR B 372 0.67 -8.65 -16.66
N GLN B 373 0.96 -8.32 -17.92
CA GLN B 373 0.98 -6.91 -18.30
C GLN B 373 -0.41 -6.30 -18.26
N LYS B 374 -1.40 -7.02 -18.76
CA LYS B 374 -2.77 -6.50 -18.75
C LYS B 374 -3.31 -6.46 -17.32
N THR B 375 -2.59 -7.10 -16.41
CA THR B 375 -2.99 -7.15 -15.01
C THR B 375 -2.39 -5.95 -14.31
N ALA B 376 -1.34 -5.39 -14.93
CA ALA B 376 -0.62 -4.23 -14.39
C ALA B 376 -1.33 -2.87 -14.43
N CYS B 377 -2.57 -2.84 -14.89
CA CYS B 377 -3.31 -1.60 -14.94
C CYS B 377 -4.79 -1.83 -14.91
N TYR B 378 -5.52 -0.84 -14.39
CA TYR B 378 -6.98 -0.94 -14.28
C TYR B 378 -7.43 -2.02 -13.28
N GLY B 379 -6.55 -2.39 -12.37
CA GLY B 379 -6.89 -3.37 -11.35
C GLY B 379 -6.68 -4.84 -11.66
N HIS B 380 -6.18 -5.57 -10.66
CA HIS B 380 -5.93 -7.00 -10.78
C HIS B 380 -7.20 -7.83 -10.56
N PHE B 381 -8.13 -7.28 -9.77
CA PHE B 381 -9.37 -7.98 -9.48
C PHE B 381 -10.58 -7.32 -10.12
N GLY B 382 -11.51 -8.15 -10.58
CA GLY B 382 -12.70 -7.61 -11.19
C GLY B 382 -12.93 -8.10 -12.61
N ARG B 383 -11.92 -7.93 -13.47
CA ARG B 383 -12.01 -8.35 -14.86
C ARG B 383 -12.07 -9.87 -15.02
N SER B 384 -13.15 -10.33 -15.65
CA SER B 384 -13.38 -11.76 -15.86
C SER B 384 -12.39 -12.52 -16.74
N GLU B 385 -11.60 -11.80 -17.53
CA GLU B 385 -10.63 -12.43 -18.42
C GLU B 385 -9.47 -13.11 -17.71
N PHE B 386 -9.37 -12.93 -16.39
CA PHE B 386 -8.30 -13.54 -15.61
C PHE B 386 -8.80 -14.81 -14.93
N PRO B 387 -7.98 -15.87 -14.94
CA PRO B 387 -8.31 -17.17 -14.33
C PRO B 387 -8.93 -17.08 -12.95
N TRP B 388 -8.31 -16.32 -12.06
CA TRP B 388 -8.82 -16.16 -10.70
C TRP B 388 -10.19 -15.49 -10.62
N GLU B 389 -10.63 -14.87 -11.72
CA GLU B 389 -11.93 -14.20 -11.74
C GLU B 389 -13.07 -15.10 -12.22
N VAL B 390 -12.72 -16.33 -12.59
CA VAL B 390 -13.69 -17.32 -13.05
C VAL B 390 -14.07 -18.12 -11.81
N PRO B 391 -15.32 -17.96 -11.33
CA PRO B 391 -15.81 -18.66 -10.15
C PRO B 391 -15.75 -20.18 -10.28
N LYS B 392 -15.28 -20.84 -9.24
CA LYS B 392 -15.21 -22.30 -9.26
C LYS B 392 -16.61 -22.78 -8.92
N LYS B 393 -16.95 -23.99 -9.35
CA LYS B 393 -18.28 -24.56 -9.12
C LYS B 393 -18.78 -24.55 -7.68
N LEU B 394 -18.00 -25.13 -6.78
CA LEU B 394 -18.37 -25.24 -5.36
C LEU B 394 -19.48 -26.24 -5.15
N VAL B 395 -19.09 -27.50 -4.90
CA VAL B 395 -20.03 -28.59 -4.68
C VAL B 395 -20.72 -28.57 -3.31
N PHE B 396 -20.32 -27.63 -2.43
CA PHE B 396 -20.89 -27.52 -1.09
C PHE B 396 -20.49 -28.68 -0.17
#